data_7X2F
#
_entry.id   7X2F
#
_cell.length_a   1.00
_cell.length_b   1.00
_cell.length_c   1.00
_cell.angle_alpha   90.00
_cell.angle_beta   90.00
_cell.angle_gamma   90.00
#
_symmetry.space_group_name_H-M   'P 1'
#
loop_
_entity.id
_entity.type
_entity.pdbx_description
1 polymer 'D(1A) dopamine receptor'
2 polymer 'Guanine nucleotide-binding protein G(s) subunit alpha isoforms short, Isoform Gnas-2 of Guanine nucleotide-binding protein G(s) subunit alpha isoforms short'
3 polymer Nanobody35
4 polymer 'Guanine nucleotide-binding protein G(I)/G(S)/G(T) subunit beta-1'
5 polymer 'Guanine nucleotide-binding protein G(I)/G(S)/G(O) subunit gamma-2'
6 non-polymer CHOLESTEROL
7 non-polymer 2-[2,6-bis(chloranyl)phenyl]-1-[(1S,3R)-3-(hydroxymethyl)-1-methyl-5-(3-methyl-3-oxidanyl-butyl)-3,4-dihydro-1H-isoquinolin-2-yl]ethanone
8 non-polymer L-DOPAMINE
#
loop_
_entity_poly.entity_id
_entity_poly.type
_entity_poly.pdbx_seq_one_letter_code
_entity_poly.pdbx_strand_id
1 'polypeptide(L)'
;MKTIIALSYIFCLVFADYKDDDDASIDMRTLNTSAMDGTGLVVERDFSVRILTACFLSLLILSTLLGNTLVCAAVIRFRH
LRSKVTNFFVISLAVSDLLVAVLVMPWKAVAEIAGFWPFGSFCNIWVAFDIMCSTASILNLCVISVDRYWAISSPFRYER
KMTPKAAFILISVAWTLSVLISFIPVQLSWHKAKPTSPSDGNATSLAETIDNCDSSLSRTYAISSSVISFYIPVAIMIVT
YTRIYRIAQKQIRRIAALERAAVHAKNCQTTTGNGKPVECSQPESSFKMSFKRETKVLKTLSVIMGVFVCCWLPFFILNC
ILPFCGSGETQPFCIDSNTFDVFVWFGWANSSLNPIIYAFNADFRKAFSTLLGCYRLCPATNNAIETVSINNNGAAMFSS
HHEPRGSISKECNLVYLIPHAVGSSEDLKKEEAAGIARPLEKLSPALSVILDYDTDVSLEKIQPITQNGQHPT
;
F
2 'polypeptide(L)'
;NSKTEDQRNEEKAQREANKKIEKQLQKDKQVYRATHRLLLLGADNSGKSTIVKQMRILHGGSGGSGGTSGIFETKFQVDK
VNFHMFDVGGQRDERRKWIQCFNDVTAIIFVVDSSDYNRLQEALNLFKSIWNNRWLRTISVILFLNKQDLLAEKVLAGKS
KIEDYFPEFARYTTPEDATPEPGEDPRVTRAKYFIRDEFLRISTASGDGRHYCYPHFTCAVDTENARRIFNDCRDIIQRM
HLRQYELL
;
A
3 'polypeptide(L)'
;MKYLLPTAAAGLLLLAAQPAMAQVQLQESGGGLVQPGGSLRLSCAASGFTFSNYKMNWVRQAPGKGLEWVSDISQSGASI
SYTGSVKGRFTISRDNAKNTLYLQMNSLKPEDTAVYYCARCPAPFTRDCFDVTSTTYAYRGQGTQVTVSSHHHHHHEPEA
;
E
4 'polypeptide(L)'
;MHHHHHHLEVLFQGPGSSGSELDQLRQEAEQLKNQIRDARKACADATLSQITNNIDPVGRIQMRTRRTLRGHLAKIYAMH
WGTDSRLLVSASQDGKLIIWDSYTTNKVHAIPLRSSWVMTCAYAPSGNYVACGGLDNICSIYNLKTREGNVRVSRELAGH
TGYLSCCRFLDDNQIVTSSGDTTCALWDIETGQQTTTFTGHTGDVMSLSLAPDTRLFVSGACDASAKLWDVREGMCRQTF
TGHESDINAICFFPNGNAFATGSDDATCRLFDLRADQELMTYSHDNIICGITSVSFSKSGRLLLAGYDDFNCNVWDALKA
DRAGVLAGHDNRVSCLGVTDDGMAVATGSWDSFLKIWN
;
B
5 'polypeptide(L)' MASNNTASIAQARKLVEQLKMEANIDRIKVSKAAADLMAYCEAHAKEDPLLTPVPASENPFREKKFFSAIL D
#
loop_
_chem_comp.id
_chem_comp.type
_chem_comp.name
_chem_comp.formula
CLR non-polymer CHOLESTEROL 'C27 H46 O'
G4C non-polymer 2-[2,6-bis(chloranyl)phenyl]-1-[(1S,3R)-3-(hydroxymethyl)-1-methyl-5-(3-methyl-3-oxidanyl-butyl)-3,4-dihydro-1H-isoquinolin-2-yl]ethanone 'C24 H29 Cl2 N O3'
LDP non-polymer L-DOPAMINE 'C8 H11 N O2'
#
# COMPACT_ATOMS: atom_id res chain seq x y z
N SER A 48 -29.09 -32.71 -40.22
CA SER A 48 -29.37 -31.36 -40.69
C SER A 48 -29.63 -30.41 -39.52
N VAL A 49 -30.90 -30.07 -39.30
CA VAL A 49 -31.24 -29.19 -38.20
C VAL A 49 -30.96 -29.86 -36.86
N ARG A 50 -31.16 -31.17 -36.77
CA ARG A 50 -30.89 -31.88 -35.54
C ARG A 50 -29.42 -31.77 -35.14
N ILE A 51 -28.51 -31.90 -36.10
CA ILE A 51 -27.09 -31.78 -35.81
C ILE A 51 -26.76 -30.37 -35.36
N LEU A 52 -27.38 -29.35 -35.97
CA LEU A 52 -27.15 -27.98 -35.56
C LEU A 52 -27.61 -27.74 -34.12
N THR A 53 -28.79 -28.24 -33.77
CA THR A 53 -29.28 -28.10 -32.41
C THR A 53 -28.38 -28.84 -31.43
N ALA A 54 -27.92 -30.03 -31.80
CA ALA A 54 -27.01 -30.79 -30.93
C ALA A 54 -25.72 -30.01 -30.70
N CYS A 55 -25.15 -29.45 -31.76
CA CYS A 55 -23.92 -28.69 -31.62
C CYS A 55 -24.10 -27.46 -30.75
N PHE A 56 -25.21 -26.74 -30.94
CA PHE A 56 -25.46 -25.55 -30.11
C PHE A 56 -25.65 -25.93 -28.65
N LEU A 57 -26.40 -27.00 -28.39
CA LEU A 57 -26.62 -27.43 -27.01
C LEU A 57 -25.31 -27.85 -26.36
N SER A 58 -24.48 -28.60 -27.08
CA SER A 58 -23.18 -28.99 -26.55
C SER A 58 -22.30 -27.78 -26.29
N LEU A 59 -22.34 -26.79 -27.21
CA LEU A 59 -21.59 -25.56 -26.99
C LEU A 59 -22.03 -24.86 -25.71
N LEU A 60 -23.35 -24.78 -25.50
CA LEU A 60 -23.86 -24.13 -24.30
C LEU A 60 -23.43 -24.88 -23.04
N ILE A 61 -23.52 -26.21 -23.05
CA ILE A 61 -23.16 -26.99 -21.87
C ILE A 61 -21.68 -26.84 -21.56
N LEU A 62 -20.83 -26.94 -22.59
CA LEU A 62 -19.39 -26.78 -22.37
C LEU A 62 -19.05 -25.36 -21.92
N SER A 63 -19.74 -24.35 -22.44
CA SER A 63 -19.49 -22.98 -21.99
C SER A 63 -19.82 -22.83 -20.51
N THR A 64 -20.97 -23.38 -20.10
CA THR A 64 -21.35 -23.27 -18.69
C THR A 64 -20.36 -24.00 -17.80
N LEU A 65 -19.98 -25.23 -18.18
CA LEU A 65 -18.99 -25.97 -17.42
C LEU A 65 -17.68 -25.22 -17.33
N LEU A 66 -17.19 -24.68 -18.46
CA LEU A 66 -15.92 -23.98 -18.46
C LEU A 66 -15.95 -22.78 -17.54
N GLY A 67 -16.97 -21.93 -17.68
CA GLY A 67 -17.03 -20.74 -16.85
C GLY A 67 -17.10 -21.07 -15.37
N ASN A 68 -17.98 -22.00 -15.00
CA ASN A 68 -18.16 -22.27 -13.58
C ASN A 68 -16.98 -23.01 -12.99
N THR A 69 -16.35 -23.93 -13.75
CA THR A 69 -15.19 -24.62 -13.21
C THR A 69 -13.99 -23.68 -13.12
N LEU A 70 -13.89 -22.71 -14.04
CA LEU A 70 -12.85 -21.69 -13.89
C LEU A 70 -13.06 -20.86 -12.64
N VAL A 71 -14.30 -20.45 -12.37
CA VAL A 71 -14.57 -19.68 -11.15
C VAL A 71 -14.23 -20.50 -9.91
N CYS A 72 -14.69 -21.76 -9.89
CA CYS A 72 -14.47 -22.60 -8.73
C CYS A 72 -12.98 -22.88 -8.51
N ALA A 73 -12.24 -23.12 -9.59
CA ALA A 73 -10.80 -23.37 -9.48
C ALA A 73 -10.06 -22.12 -9.04
N ALA A 74 -10.45 -20.95 -9.54
CA ALA A 74 -9.81 -19.72 -9.11
C ALA A 74 -10.09 -19.45 -7.62
N VAL A 75 -11.25 -19.85 -7.13
CA VAL A 75 -11.53 -19.73 -5.70
C VAL A 75 -10.69 -20.71 -4.90
N ILE A 76 -10.63 -21.97 -5.36
CA ILE A 76 -9.97 -23.02 -4.57
C ILE A 76 -8.47 -22.79 -4.52
N ARG A 77 -7.86 -22.50 -5.66
CA ARG A 77 -6.41 -22.35 -5.71
C ARG A 77 -5.95 -21.08 -5.00
N PHE A 78 -6.64 -19.97 -5.24
CA PHE A 78 -6.24 -18.67 -4.71
C PHE A 78 -7.09 -18.35 -3.48
N ARG A 79 -6.45 -18.18 -2.34
CA ARG A 79 -7.16 -17.96 -1.08
C ARG A 79 -7.44 -16.50 -0.79
N HIS A 80 -6.89 -15.57 -1.58
CA HIS A 80 -7.22 -14.17 -1.36
C HIS A 80 -8.62 -13.84 -1.87
N LEU A 81 -9.08 -14.52 -2.91
CA LEU A 81 -10.47 -14.39 -3.32
C LEU A 81 -11.42 -14.92 -2.26
N ARG A 82 -11.03 -16.02 -1.61
CA ARG A 82 -11.86 -16.61 -0.55
C ARG A 82 -11.91 -15.74 0.69
N SER A 83 -10.97 -14.80 0.85
CA SER A 83 -10.94 -13.97 2.05
C SER A 83 -12.17 -13.09 2.15
N LYS A 84 -12.59 -12.48 1.05
CA LYS A 84 -13.73 -11.59 1.07
C LYS A 84 -15.00 -12.36 1.38
N VAL A 85 -15.84 -11.79 2.26
CA VAL A 85 -17.10 -12.43 2.61
C VAL A 85 -18.06 -12.40 1.43
N THR A 86 -18.07 -11.31 0.68
CA THR A 86 -19.01 -11.17 -0.43
C THR A 86 -18.72 -12.14 -1.57
N ASN A 87 -17.56 -12.79 -1.57
CA ASN A 87 -17.25 -13.75 -2.63
C ASN A 87 -17.85 -15.12 -2.37
N PHE A 88 -18.30 -15.40 -1.15
CA PHE A 88 -18.94 -16.68 -0.87
C PHE A 88 -20.20 -16.84 -1.70
N PHE A 89 -20.96 -15.76 -1.87
CA PHE A 89 -22.17 -15.81 -2.69
C PHE A 89 -21.85 -16.11 -4.14
N VAL A 90 -20.78 -15.51 -4.68
CA VAL A 90 -20.38 -15.79 -6.05
C VAL A 90 -19.94 -17.24 -6.18
N ILE A 91 -19.25 -17.75 -5.17
CA ILE A 91 -18.86 -19.17 -5.17
C ILE A 91 -20.10 -20.05 -5.21
N SER A 92 -21.09 -19.74 -4.39
CA SER A 92 -22.31 -20.54 -4.35
C SER A 92 -23.06 -20.47 -5.67
N LEU A 93 -23.11 -19.30 -6.29
CA LEU A 93 -23.76 -19.16 -7.59
C LEU A 93 -23.04 -19.99 -8.65
N ALA A 94 -21.70 -19.96 -8.65
CA ALA A 94 -20.94 -20.75 -9.61
C ALA A 94 -21.15 -22.24 -9.37
N VAL A 95 -21.22 -22.66 -8.12
CA VAL A 95 -21.49 -24.06 -7.81
C VAL A 95 -22.88 -24.46 -8.30
N SER A 96 -23.86 -23.57 -8.13
CA SER A 96 -25.21 -23.85 -8.61
C SER A 96 -25.25 -24.01 -10.12
N ASP A 97 -24.57 -23.12 -10.85
CA ASP A 97 -24.57 -23.24 -12.31
C ASP A 97 -23.78 -24.46 -12.78
N LEU A 98 -22.71 -24.81 -12.08
CA LEU A 98 -22.00 -26.04 -12.42
C LEU A 98 -22.87 -27.26 -12.18
N LEU A 99 -23.63 -27.26 -11.08
CA LEU A 99 -24.57 -28.36 -10.85
C LEU A 99 -25.62 -28.41 -11.95
N VAL A 100 -26.10 -27.25 -12.40
CA VAL A 100 -26.99 -27.22 -13.56
C VAL A 100 -26.34 -27.95 -14.73
N ALA A 101 -25.18 -27.46 -15.17
CA ALA A 101 -24.55 -27.97 -16.38
C ALA A 101 -24.10 -29.42 -16.25
N VAL A 102 -24.01 -29.94 -15.04
CA VAL A 102 -23.65 -31.34 -14.87
C VAL A 102 -24.88 -32.24 -14.74
N LEU A 103 -25.97 -31.74 -14.15
CA LEU A 103 -27.06 -32.59 -13.72
C LEU A 103 -28.32 -32.48 -14.55
N VAL A 104 -28.55 -31.38 -15.26
CA VAL A 104 -29.81 -31.19 -15.98
C VAL A 104 -29.59 -30.95 -17.48
N MET A 105 -28.66 -30.06 -17.84
CA MET A 105 -28.48 -29.71 -19.24
C MET A 105 -28.07 -30.88 -20.13
N PRO A 106 -27.08 -31.71 -19.76
CA PRO A 106 -26.67 -32.78 -20.70
C PRO A 106 -27.75 -33.80 -20.97
N TRP A 107 -28.46 -34.27 -19.94
CA TRP A 107 -29.47 -35.29 -20.15
C TRP A 107 -30.63 -34.76 -20.97
N LYS A 108 -31.07 -33.53 -20.70
CA LYS A 108 -32.11 -32.92 -21.51
C LYS A 108 -31.65 -32.74 -22.95
N ALA A 109 -30.40 -32.34 -23.13
CA ALA A 109 -29.86 -32.20 -24.49
C ALA A 109 -29.87 -33.53 -25.23
N VAL A 110 -29.46 -34.61 -24.54
CA VAL A 110 -29.46 -35.93 -25.16
C VAL A 110 -30.89 -36.35 -25.52
N ALA A 111 -31.84 -36.09 -24.62
CA ALA A 111 -33.23 -36.44 -24.90
C ALA A 111 -33.76 -35.67 -26.10
N GLU A 112 -33.42 -34.39 -26.21
CA GLU A 112 -33.91 -33.60 -27.34
C GLU A 112 -33.25 -34.02 -28.64
N ILE A 113 -31.97 -34.41 -28.58
CA ILE A 113 -31.29 -34.90 -29.79
C ILE A 113 -31.93 -36.21 -30.25
N ALA A 114 -32.07 -37.16 -29.34
CA ALA A 114 -32.58 -38.47 -29.72
C ALA A 114 -34.07 -38.42 -30.05
N GLY A 115 -34.79 -37.47 -29.47
CA GLY A 115 -36.23 -37.39 -29.65
C GLY A 115 -37.04 -38.19 -28.67
N PHE A 116 -36.40 -38.84 -27.70
CA PHE A 116 -37.11 -39.64 -26.71
C PHE A 116 -36.25 -39.73 -25.46
N TRP A 117 -36.86 -40.15 -24.36
CA TRP A 117 -36.18 -40.27 -23.09
C TRP A 117 -35.53 -41.65 -22.99
N PRO A 118 -34.20 -41.75 -23.00
CA PRO A 118 -33.56 -43.07 -22.93
C PRO A 118 -33.22 -43.53 -21.52
N PHE A 119 -33.25 -42.66 -20.52
CA PHE A 119 -32.83 -43.01 -19.18
C PHE A 119 -33.95 -43.59 -18.32
N GLY A 120 -35.19 -43.53 -18.79
CA GLY A 120 -36.28 -44.18 -18.08
C GLY A 120 -36.54 -43.55 -16.73
N SER A 121 -36.32 -44.33 -15.67
CA SER A 121 -36.71 -43.92 -14.32
C SER A 121 -35.94 -42.71 -13.82
N PHE A 122 -34.85 -42.33 -14.49
CA PHE A 122 -34.16 -41.10 -14.12
C PHE A 122 -35.03 -39.87 -14.35
N CYS A 123 -36.05 -39.96 -15.21
CA CYS A 123 -36.90 -38.81 -15.50
C CYS A 123 -37.47 -38.20 -14.23
N ASN A 124 -38.06 -39.02 -13.37
CA ASN A 124 -38.64 -38.52 -12.14
C ASN A 124 -37.58 -37.84 -11.28
N ILE A 125 -36.35 -38.35 -11.31
CA ILE A 125 -35.27 -37.67 -10.60
C ILE A 125 -34.89 -36.38 -11.32
N TRP A 126 -34.82 -36.42 -12.65
CA TRP A 126 -34.30 -35.28 -13.40
C TRP A 126 -35.14 -34.04 -13.20
N VAL A 127 -36.47 -34.18 -13.27
CA VAL A 127 -37.37 -33.06 -13.07
C VAL A 127 -37.21 -32.45 -11.69
N ALA A 128 -36.65 -33.19 -10.74
CA ALA A 128 -36.31 -32.63 -9.44
C ALA A 128 -34.96 -31.93 -9.43
N PHE A 129 -33.98 -32.47 -10.15
CA PHE A 129 -32.73 -31.75 -10.35
C PHE A 129 -32.95 -30.46 -11.14
N ASP A 130 -33.93 -30.47 -12.04
CA ASP A 130 -34.21 -29.29 -12.85
C ASP A 130 -34.79 -28.16 -12.01
N ILE A 131 -35.74 -28.47 -11.13
CA ILE A 131 -36.34 -27.44 -10.30
C ILE A 131 -35.35 -26.94 -9.25
N MET A 132 -34.55 -27.84 -8.69
CA MET A 132 -33.63 -27.45 -7.63
C MET A 132 -32.54 -26.52 -8.14
N CYS A 133 -31.70 -27.02 -9.05
CA CYS A 133 -30.52 -26.27 -9.47
C CYS A 133 -30.90 -24.93 -10.06
N SER A 134 -31.94 -24.90 -10.91
CA SER A 134 -32.44 -23.64 -11.44
C SER A 134 -32.83 -22.69 -10.31
N THR A 135 -33.63 -23.17 -9.36
CA THR A 135 -33.99 -22.33 -8.22
C THR A 135 -32.78 -22.03 -7.35
N ALA A 136 -31.75 -22.87 -7.39
CA ALA A 136 -30.52 -22.56 -6.67
C ALA A 136 -29.72 -21.47 -7.34
N SER A 137 -30.07 -21.08 -8.56
CA SER A 137 -29.41 -19.97 -9.23
C SER A 137 -30.12 -18.65 -8.92
N ILE A 138 -31.41 -18.57 -9.21
CA ILE A 138 -32.16 -17.33 -9.00
C ILE A 138 -32.08 -16.92 -7.53
N LEU A 139 -32.40 -17.85 -6.63
CA LEU A 139 -32.33 -17.53 -5.20
C LEU A 139 -30.92 -17.11 -4.78
N ASN A 140 -29.90 -17.56 -5.51
CA ASN A 140 -28.55 -17.06 -5.23
C ASN A 140 -28.41 -15.62 -5.70
N LEU A 141 -28.83 -15.34 -6.94
CA LEU A 141 -28.69 -14.00 -7.49
C LEU A 141 -29.35 -12.97 -6.58
N CYS A 142 -30.60 -13.22 -6.20
CA CYS A 142 -31.30 -12.35 -5.28
C CYS A 142 -30.45 -12.08 -4.04
N VAL A 143 -29.93 -13.15 -3.43
CA VAL A 143 -29.09 -12.98 -2.25
C VAL A 143 -27.93 -12.05 -2.54
N ILE A 144 -27.23 -12.29 -3.65
CA ILE A 144 -26.13 -11.41 -4.03
C ILE A 144 -26.63 -9.98 -4.13
N SER A 145 -27.75 -9.79 -4.82
CA SER A 145 -28.33 -8.46 -4.92
C SER A 145 -28.55 -7.87 -3.54
N VAL A 146 -29.21 -8.63 -2.66
CA VAL A 146 -29.45 -8.14 -1.31
C VAL A 146 -28.13 -7.77 -0.65
N ASP A 147 -27.13 -8.65 -0.79
CA ASP A 147 -25.81 -8.38 -0.22
C ASP A 147 -25.30 -7.02 -0.67
N ARG A 148 -25.38 -6.75 -1.97
CA ARG A 148 -24.86 -5.47 -2.47
C ARG A 148 -25.62 -4.30 -1.88
N TYR A 149 -26.94 -4.44 -1.73
CA TYR A 149 -27.72 -3.35 -1.15
C TYR A 149 -27.34 -3.10 0.30
N TRP A 150 -26.83 -4.12 1.00
CA TRP A 150 -26.38 -3.89 2.36
C TRP A 150 -25.01 -3.24 2.42
N ALA A 151 -24.24 -3.31 1.34
CA ALA A 151 -22.92 -2.69 1.30
C ALA A 151 -22.93 -1.29 0.74
N ILE A 152 -24.05 -0.83 0.20
CA ILE A 152 -24.13 0.49 -0.41
C ILE A 152 -25.11 1.41 0.31
N SER A 153 -26.17 0.88 0.92
CA SER A 153 -27.14 1.71 1.61
C SER A 153 -26.79 1.97 3.07
N SER A 154 -26.15 1.01 3.74
CA SER A 154 -25.69 1.18 5.12
C SER A 154 -24.27 0.66 5.21
N PRO A 155 -23.30 1.42 4.70
CA PRO A 155 -21.92 0.90 4.63
C PRO A 155 -21.30 0.57 5.97
N PHE A 156 -21.66 1.28 7.03
CA PHE A 156 -21.04 1.03 8.33
C PHE A 156 -21.55 -0.26 8.96
N ARG A 157 -22.81 -0.54 8.83
CA ARG A 157 -23.34 -1.74 9.34
C ARG A 157 -22.81 -2.91 8.71
N TYR A 158 -22.66 -2.88 7.46
CA TYR A 158 -22.32 -4.06 6.67
C TYR A 158 -21.04 -4.70 7.18
N GLU A 159 -19.97 -3.93 7.33
CA GLU A 159 -18.69 -4.51 7.70
C GLU A 159 -18.70 -5.07 9.11
N ARG A 160 -19.59 -4.57 9.96
CA ARG A 160 -19.66 -5.06 11.34
C ARG A 160 -20.58 -6.26 11.48
N LYS A 161 -21.62 -6.35 10.65
CA LYS A 161 -22.62 -7.40 10.79
C LYS A 161 -22.42 -8.57 9.82
N MET A 162 -21.92 -8.31 8.61
CA MET A 162 -21.73 -9.37 7.62
C MET A 162 -20.50 -10.19 7.98
N THR A 163 -20.67 -11.04 8.97
CA THR A 163 -19.66 -12.03 9.34
C THR A 163 -19.76 -13.24 8.41
N PRO A 164 -18.69 -14.02 8.28
CA PRO A 164 -18.77 -15.24 7.46
C PRO A 164 -19.86 -16.20 7.92
N LYS A 165 -20.20 -16.18 9.21
CA LYS A 165 -21.32 -16.98 9.68
C LYS A 165 -22.63 -16.52 9.03
N ALA A 166 -22.81 -15.21 8.88
CA ALA A 166 -24.01 -14.71 8.23
C ALA A 166 -24.05 -15.10 6.75
N ALA A 167 -22.89 -15.06 6.09
CA ALA A 167 -22.83 -15.50 4.69
C ALA A 167 -23.19 -16.97 4.57
N PHE A 168 -22.68 -17.80 5.50
CA PHE A 168 -23.04 -19.22 5.48
C PHE A 168 -24.53 -19.40 5.74
N ILE A 169 -25.11 -18.60 6.64
CA ILE A 169 -26.54 -18.70 6.92
C ILE A 169 -27.34 -18.39 5.66
N LEU A 170 -26.99 -17.30 4.97
CA LEU A 170 -27.73 -16.93 3.76
C LEU A 170 -27.59 -18.00 2.67
N ILE A 171 -26.36 -18.49 2.44
CA ILE A 171 -26.16 -19.51 1.43
C ILE A 171 -26.93 -20.77 1.78
N SER A 172 -26.92 -21.17 3.05
CA SER A 172 -27.65 -22.36 3.48
C SER A 172 -29.15 -22.17 3.28
N VAL A 173 -29.68 -20.99 3.60
CA VAL A 173 -31.10 -20.75 3.40
C VAL A 173 -31.47 -20.88 1.92
N ALA A 174 -30.66 -20.28 1.04
CA ALA A 174 -30.94 -20.39 -0.39
C ALA A 174 -30.91 -21.84 -0.84
N TRP A 175 -29.83 -22.56 -0.50
CA TRP A 175 -29.64 -23.91 -1.00
C TRP A 175 -30.58 -24.92 -0.36
N THR A 176 -31.15 -24.61 0.80
CA THR A 176 -32.15 -25.49 1.40
C THR A 176 -33.56 -25.16 0.97
N LEU A 177 -33.85 -23.88 0.67
CA LEU A 177 -35.13 -23.55 0.07
C LEU A 177 -35.25 -24.17 -1.32
N SER A 178 -34.15 -24.21 -2.07
CA SER A 178 -34.17 -24.89 -3.36
C SER A 178 -34.55 -26.35 -3.20
N VAL A 179 -33.90 -27.05 -2.26
CA VAL A 179 -34.18 -28.47 -2.04
C VAL A 179 -35.62 -28.66 -1.58
N LEU A 180 -36.07 -27.83 -0.64
CA LEU A 180 -37.42 -27.97 -0.10
C LEU A 180 -38.47 -27.75 -1.18
N ILE A 181 -38.23 -26.82 -2.11
CA ILE A 181 -39.22 -26.56 -3.14
C ILE A 181 -39.14 -27.59 -4.27
N SER A 182 -37.99 -28.23 -4.48
CA SER A 182 -37.85 -29.17 -5.59
C SER A 182 -38.12 -30.62 -5.19
N PHE A 183 -37.30 -31.15 -4.26
CA PHE A 183 -37.31 -32.59 -4.03
C PHE A 183 -38.51 -33.04 -3.22
N ILE A 184 -38.97 -32.21 -2.28
CA ILE A 184 -40.08 -32.61 -1.41
C ILE A 184 -41.36 -32.89 -2.19
N PRO A 185 -41.81 -32.01 -3.11
CA PRO A 185 -43.05 -32.34 -3.82
C PRO A 185 -42.86 -33.38 -4.92
N VAL A 186 -41.70 -33.40 -5.57
CA VAL A 186 -41.49 -34.31 -6.70
C VAL A 186 -41.54 -35.76 -6.22
N GLN A 187 -40.87 -36.07 -5.11
CA GLN A 187 -40.89 -37.43 -4.60
C GLN A 187 -42.29 -37.84 -4.16
N LEU A 188 -43.09 -36.89 -3.67
CA LEU A 188 -44.46 -37.17 -3.28
C LEU A 188 -45.45 -37.00 -4.43
N SER A 189 -44.95 -36.69 -5.63
CA SER A 189 -45.77 -36.59 -6.84
C SER A 189 -46.87 -35.55 -6.67
N TRP A 190 -46.50 -34.37 -6.17
CA TRP A 190 -47.40 -33.23 -6.15
C TRP A 190 -47.26 -32.35 -7.38
N HIS A 191 -46.13 -32.44 -8.09
CA HIS A 191 -45.92 -31.61 -9.27
C HIS A 191 -46.72 -32.08 -10.47
N LYS A 192 -47.06 -33.37 -10.53
CA LYS A 192 -47.81 -33.91 -11.65
C LYS A 192 -49.30 -33.67 -11.46
N ALA A 193 -49.95 -33.13 -12.49
CA ALA A 193 -51.39 -32.91 -12.44
C ALA A 193 -52.14 -34.22 -12.66
N LYS A 194 -53.23 -34.38 -11.91
CA LYS A 194 -54.03 -35.59 -12.00
C LYS A 194 -55.30 -35.35 -12.82
N ASP A 211 -38.94 -43.95 -23.65
CA ASP A 211 -40.15 -43.22 -24.00
C ASP A 211 -39.93 -41.72 -23.89
N ASN A 212 -40.77 -41.04 -23.12
CA ASN A 212 -40.66 -39.59 -22.95
C ASN A 212 -40.75 -39.26 -21.47
N CYS A 213 -40.16 -38.13 -21.11
CA CYS A 213 -40.14 -37.64 -19.73
C CYS A 213 -41.24 -36.60 -19.56
N ASP A 214 -42.18 -36.88 -18.68
CA ASP A 214 -43.32 -35.99 -18.45
C ASP A 214 -42.89 -34.87 -17.52
N SER A 215 -42.61 -33.70 -18.10
CA SER A 215 -42.20 -32.52 -17.34
C SER A 215 -43.32 -31.51 -17.19
N SER A 216 -44.57 -31.91 -17.42
CA SER A 216 -45.70 -31.01 -17.27
C SER A 216 -46.00 -30.81 -15.80
N LEU A 217 -45.95 -29.56 -15.34
CA LEU A 217 -46.19 -29.25 -13.95
C LEU A 217 -47.68 -29.11 -13.68
N SER A 218 -48.07 -29.29 -12.42
CA SER A 218 -49.46 -29.15 -12.03
C SER A 218 -49.89 -27.68 -12.13
N ARG A 219 -51.21 -27.48 -12.25
CA ARG A 219 -51.72 -26.12 -12.37
C ARG A 219 -51.49 -25.31 -11.10
N THR A 220 -51.68 -25.93 -9.93
CA THR A 220 -51.42 -25.22 -8.68
C THR A 220 -49.92 -25.16 -8.37
N TYR A 221 -49.18 -26.24 -8.65
CA TYR A 221 -47.76 -26.25 -8.37
C TYR A 221 -46.98 -25.30 -9.26
N ALA A 222 -47.41 -25.10 -10.50
CA ALA A 222 -46.73 -24.15 -11.36
C ALA A 222 -46.72 -22.76 -10.74
N ILE A 223 -47.90 -22.26 -10.32
CA ILE A 223 -47.97 -20.96 -9.69
C ILE A 223 -47.22 -20.94 -8.36
N SER A 224 -47.41 -21.99 -7.55
CA SER A 224 -46.80 -22.02 -6.22
C SER A 224 -45.28 -22.00 -6.31
N SER A 225 -44.70 -22.74 -7.25
CA SER A 225 -43.25 -22.76 -7.39
C SER A 225 -42.74 -21.51 -8.10
N SER A 226 -43.52 -20.97 -9.04
CA SER A 226 -43.08 -19.79 -9.76
C SER A 226 -43.00 -18.58 -8.84
N VAL A 227 -44.01 -18.38 -7.99
CA VAL A 227 -43.99 -17.22 -7.11
C VAL A 227 -42.82 -17.28 -6.15
N ILE A 228 -42.35 -18.49 -5.80
CA ILE A 228 -41.24 -18.61 -4.86
C ILE A 228 -39.90 -18.53 -5.58
N SER A 229 -39.83 -19.00 -6.83
CA SER A 229 -38.56 -19.06 -7.53
C SER A 229 -38.23 -17.79 -8.30
N PHE A 230 -39.22 -17.12 -8.89
CA PHE A 230 -38.94 -15.97 -9.74
C PHE A 230 -39.60 -14.69 -9.24
N TYR A 231 -40.92 -14.70 -9.00
CA TYR A 231 -41.63 -13.44 -8.79
C TYR A 231 -41.22 -12.75 -7.51
N ILE A 232 -41.05 -13.49 -6.41
CA ILE A 232 -40.51 -12.89 -5.19
C ILE A 232 -39.06 -12.48 -5.41
N PRO A 233 -38.17 -13.34 -5.93
CA PRO A 233 -36.78 -12.91 -6.14
C PRO A 233 -36.59 -11.95 -7.30
N VAL A 234 -37.65 -11.53 -8.00
CA VAL A 234 -37.48 -10.48 -8.99
C VAL A 234 -38.00 -9.18 -8.38
N ALA A 235 -39.03 -9.27 -7.55
CA ALA A 235 -39.50 -8.07 -6.85
C ALA A 235 -38.46 -7.57 -5.86
N ILE A 236 -37.89 -8.48 -5.06
CA ILE A 236 -36.83 -8.10 -4.14
C ILE A 236 -35.65 -7.50 -4.89
N MET A 237 -35.25 -8.16 -5.99
CA MET A 237 -34.11 -7.68 -6.75
C MET A 237 -34.38 -6.31 -7.38
N ILE A 238 -35.61 -6.09 -7.85
CA ILE A 238 -35.94 -4.83 -8.50
C ILE A 238 -35.95 -3.69 -7.48
N VAL A 239 -36.58 -3.90 -6.32
CA VAL A 239 -36.59 -2.83 -5.32
C VAL A 239 -35.18 -2.55 -4.83
N THR A 240 -34.38 -3.61 -4.63
CA THR A 240 -32.99 -3.42 -4.23
C THR A 240 -32.23 -2.59 -5.26
N TYR A 241 -32.33 -2.96 -6.54
CA TYR A 241 -31.51 -2.28 -7.53
C TYR A 241 -32.02 -0.87 -7.84
N THR A 242 -33.31 -0.60 -7.69
CA THR A 242 -33.77 0.77 -7.85
C THR A 242 -33.35 1.64 -6.66
N ARG A 243 -33.32 1.07 -5.45
CA ARG A 243 -32.76 1.83 -4.33
C ARG A 243 -31.28 2.12 -4.54
N ILE A 244 -30.53 1.12 -5.02
CA ILE A 244 -29.12 1.33 -5.30
C ILE A 244 -28.94 2.37 -6.40
N TYR A 245 -29.84 2.38 -7.39
CA TYR A 245 -29.79 3.39 -8.42
C TYR A 245 -30.00 4.78 -7.86
N ARG A 246 -30.98 4.94 -6.97
CA ARG A 246 -31.21 6.26 -6.37
C ARG A 246 -30.00 6.71 -5.57
N ILE A 247 -29.40 5.80 -4.80
CA ILE A 247 -28.22 6.14 -4.01
C ILE A 247 -27.07 6.56 -4.93
N ALA A 248 -26.85 5.80 -6.00
CA ALA A 248 -25.76 6.12 -6.92
C ALA A 248 -26.00 7.44 -7.63
N GLN A 249 -27.26 7.73 -7.98
CA GLN A 249 -27.56 9.01 -8.61
C GLN A 249 -27.32 10.17 -7.66
N LYS A 250 -27.71 10.02 -6.40
CA LYS A 250 -27.42 11.04 -5.39
C LYS A 250 -25.92 11.30 -5.28
N GLN A 251 -25.14 10.22 -5.16
CA GLN A 251 -23.70 10.38 -5.07
C GLN A 251 -23.13 11.03 -6.33
N ILE A 252 -23.63 10.64 -7.50
CA ILE A 252 -23.10 11.18 -8.75
C ILE A 252 -23.37 12.67 -8.84
N ARG A 253 -24.56 13.11 -8.47
CA ARG A 253 -24.84 14.55 -8.45
C ARG A 253 -23.93 15.26 -7.46
N ARG A 254 -23.70 14.64 -6.30
CA ARG A 254 -22.83 15.28 -5.30
C ARG A 254 -21.41 15.46 -5.82
N ILE A 255 -20.86 14.44 -6.48
CA ILE A 255 -19.53 14.58 -7.08
C ILE A 255 -19.55 15.60 -8.20
N ALA A 256 -20.60 15.58 -9.03
CA ALA A 256 -20.65 16.47 -10.19
C ALA A 256 -20.71 17.93 -9.79
N ALA A 257 -21.34 18.23 -8.65
CA ALA A 257 -21.36 19.62 -8.17
C ALA A 257 -19.93 20.13 -7.94
N LEU A 258 -19.14 19.35 -7.19
CA LEU A 258 -17.76 19.75 -6.91
C LEU A 258 -16.91 19.78 -8.18
N GLU A 259 -17.11 18.81 -9.07
CA GLU A 259 -16.35 18.80 -10.32
C GLU A 259 -16.66 20.02 -11.17
N ARG A 260 -17.93 20.39 -11.27
CA ARG A 260 -18.31 21.58 -12.02
C ARG A 260 -17.75 22.83 -11.36
N ALA A 261 -17.76 22.89 -10.03
CA ALA A 261 -17.17 24.04 -9.34
C ALA A 261 -15.68 24.15 -9.64
N ALA A 262 -14.97 23.02 -9.62
CA ALA A 262 -13.54 23.03 -9.93
C ALA A 262 -13.29 23.46 -11.37
N VAL A 263 -14.11 22.98 -12.31
CA VAL A 263 -13.94 23.35 -13.71
C VAL A 263 -14.19 24.84 -13.90
N HIS A 264 -15.25 25.37 -13.28
CA HIS A 264 -15.54 26.79 -13.38
C HIS A 264 -14.43 27.64 -12.78
N ALA A 265 -13.87 27.19 -11.65
CA ALA A 265 -12.73 27.89 -11.07
C ALA A 265 -11.52 27.87 -12.01
N LYS A 266 -11.27 26.72 -12.64
CA LYS A 266 -10.15 26.61 -13.57
C LYS A 266 -10.33 27.55 -14.76
N ASN A 267 -11.56 27.67 -15.25
CA ASN A 267 -11.83 28.59 -16.35
C ASN A 267 -11.60 30.04 -15.93
N CYS A 268 -11.95 30.39 -14.70
CA CYS A 268 -11.74 31.74 -14.20
C CYS A 268 -10.26 31.99 -13.93
N PHE A 291 -22.44 13.41 -17.39
CA PHE A 291 -23.50 12.41 -17.52
C PHE A 291 -22.93 11.02 -17.77
N LYS A 292 -21.62 10.95 -17.94
CA LYS A 292 -20.97 9.66 -18.18
C LYS A 292 -21.12 8.73 -17.00
N ARG A 293 -20.97 9.25 -15.78
CA ARG A 293 -21.12 8.42 -14.59
C ARG A 293 -22.52 7.86 -14.48
N GLU A 294 -23.54 8.72 -14.68
CA GLU A 294 -24.91 8.25 -14.62
C GLU A 294 -25.21 7.27 -15.74
N THR A 295 -24.67 7.53 -16.93
CA THR A 295 -24.87 6.62 -18.05
C THR A 295 -24.29 5.24 -17.75
N LYS A 296 -23.10 5.20 -17.13
CA LYS A 296 -22.47 3.90 -16.90
C LYS A 296 -23.14 3.18 -15.72
N VAL A 297 -23.61 3.92 -14.72
CA VAL A 297 -24.43 3.31 -13.68
C VAL A 297 -25.67 2.67 -14.29
N LEU A 298 -26.35 3.41 -15.16
CA LEU A 298 -27.56 2.90 -15.80
C LEU A 298 -27.23 1.68 -16.66
N LYS A 299 -26.10 1.71 -17.36
CA LYS A 299 -25.71 0.57 -18.19
C LYS A 299 -25.46 -0.66 -17.33
N THR A 300 -24.75 -0.52 -16.23
CA THR A 300 -24.46 -1.66 -15.38
C THR A 300 -25.73 -2.26 -14.79
N LEU A 301 -26.60 -1.39 -14.25
CA LEU A 301 -27.86 -1.89 -13.69
C LEU A 301 -28.73 -2.52 -14.78
N SER A 302 -28.78 -1.91 -15.96
CA SER A 302 -29.57 -2.47 -17.05
C SER A 302 -29.06 -3.83 -17.48
N VAL A 303 -27.74 -4.00 -17.59
CA VAL A 303 -27.22 -5.33 -17.90
C VAL A 303 -27.62 -6.32 -16.83
N ILE A 304 -27.29 -6.02 -15.57
CA ILE A 304 -27.47 -6.99 -14.48
C ILE A 304 -28.94 -7.39 -14.35
N MET A 305 -29.85 -6.45 -14.51
CA MET A 305 -31.26 -6.77 -14.38
C MET A 305 -31.86 -7.34 -15.66
N GLY A 306 -31.60 -6.69 -16.80
CA GLY A 306 -32.24 -7.08 -18.04
C GLY A 306 -31.80 -8.42 -18.57
N VAL A 307 -30.53 -8.79 -18.40
CA VAL A 307 -30.13 -10.11 -18.89
C VAL A 307 -30.87 -11.20 -18.11
N PHE A 308 -30.99 -11.04 -16.79
CA PHE A 308 -31.72 -12.00 -15.96
C PHE A 308 -33.19 -12.02 -16.33
N VAL A 309 -33.80 -10.85 -16.50
CA VAL A 309 -35.22 -10.78 -16.82
C VAL A 309 -35.49 -11.40 -18.19
N CYS A 310 -34.68 -11.07 -19.18
CA CYS A 310 -34.88 -11.63 -20.51
C CYS A 310 -34.68 -13.13 -20.52
N CYS A 311 -33.72 -13.65 -19.74
CA CYS A 311 -33.51 -15.09 -19.73
C CYS A 311 -34.65 -15.82 -19.01
N TRP A 312 -35.23 -15.21 -17.98
CA TRP A 312 -36.15 -15.96 -17.12
C TRP A 312 -37.62 -15.62 -17.29
N LEU A 313 -37.99 -14.34 -17.36
CA LEU A 313 -39.39 -13.94 -17.31
C LEU A 313 -40.29 -14.60 -18.34
N PRO A 314 -39.93 -14.68 -19.63
CA PRO A 314 -40.83 -15.37 -20.57
C PRO A 314 -41.10 -16.80 -20.17
N PHE A 315 -40.07 -17.50 -19.70
CA PHE A 315 -40.27 -18.88 -19.26
C PHE A 315 -41.26 -18.95 -18.12
N PHE A 316 -41.17 -18.03 -17.15
CA PHE A 316 -42.03 -18.16 -15.99
C PHE A 316 -43.46 -17.73 -16.28
N ILE A 317 -43.65 -16.73 -17.14
CA ILE A 317 -45.03 -16.39 -17.51
C ILE A 317 -45.65 -17.54 -18.31
N LEU A 318 -44.85 -18.20 -19.17
CA LEU A 318 -45.34 -19.38 -19.85
C LEU A 318 -45.65 -20.50 -18.87
N ASN A 319 -44.81 -20.68 -17.85
CA ASN A 319 -45.04 -21.71 -16.86
C ASN A 319 -46.32 -21.46 -16.08
N CYS A 320 -46.67 -20.19 -15.86
CA CYS A 320 -47.93 -19.90 -15.19
C CYS A 320 -49.12 -20.12 -16.10
N ILE A 321 -49.03 -19.72 -17.37
CA ILE A 321 -50.23 -19.73 -18.21
C ILE A 321 -50.47 -21.10 -18.84
N LEU A 322 -49.42 -21.86 -19.15
CA LEU A 322 -49.59 -23.08 -19.95
C LEU A 322 -50.41 -24.16 -19.25
N PRO A 323 -50.19 -24.49 -17.98
CA PRO A 323 -51.08 -25.49 -17.34
C PRO A 323 -52.54 -25.09 -17.38
N PHE A 324 -52.83 -23.79 -17.28
CA PHE A 324 -54.22 -23.33 -17.39
C PHE A 324 -54.75 -23.56 -18.80
N CYS A 325 -53.92 -23.32 -19.81
CA CYS A 325 -54.34 -23.53 -21.19
C CYS A 325 -54.63 -25.00 -21.46
N GLY A 326 -53.78 -25.89 -20.94
CA GLY A 326 -53.96 -27.31 -21.16
C GLY A 326 -55.18 -27.90 -20.47
N PHE A 333 -52.54 -17.83 -28.58
CA PHE A 333 -53.20 -18.52 -27.48
C PHE A 333 -52.23 -19.49 -26.80
N CYS A 334 -52.48 -20.78 -26.95
CA CYS A 334 -51.61 -21.79 -26.36
C CYS A 334 -50.31 -21.89 -27.14
N ILE A 335 -49.33 -22.56 -26.52
CA ILE A 335 -47.99 -22.68 -27.09
C ILE A 335 -47.69 -24.14 -27.36
N ASP A 336 -46.82 -24.37 -28.35
CA ASP A 336 -46.36 -25.71 -28.65
C ASP A 336 -45.25 -26.11 -27.67
N SER A 337 -44.98 -27.42 -27.62
CA SER A 337 -43.95 -27.92 -26.72
C SER A 337 -42.56 -27.42 -27.11
N ASN A 338 -42.32 -27.20 -28.40
CA ASN A 338 -41.02 -26.71 -28.84
C ASN A 338 -40.76 -25.30 -28.34
N THR A 339 -41.77 -24.43 -28.36
CA THR A 339 -41.60 -23.09 -27.81
C THR A 339 -41.30 -23.14 -26.31
N PHE A 340 -42.02 -24.00 -25.58
CA PHE A 340 -41.74 -24.16 -24.17
C PHE A 340 -40.31 -24.64 -23.94
N ASP A 341 -39.85 -25.57 -24.76
CA ASP A 341 -38.48 -26.07 -24.62
C ASP A 341 -37.46 -24.98 -24.88
N VAL A 342 -37.65 -24.19 -25.94
CA VAL A 342 -36.67 -23.16 -26.24
C VAL A 342 -36.67 -22.08 -25.16
N PHE A 343 -37.83 -21.80 -24.56
CA PHE A 343 -37.84 -20.84 -23.45
C PHE A 343 -37.21 -21.43 -22.20
N VAL A 344 -37.32 -22.75 -21.99
CA VAL A 344 -36.57 -23.40 -20.91
C VAL A 344 -35.07 -23.24 -21.13
N TRP A 345 -34.64 -23.39 -22.38
CA TRP A 345 -33.22 -23.19 -22.68
C TRP A 345 -32.79 -21.75 -22.46
N PHE A 346 -33.66 -20.79 -22.79
CA PHE A 346 -33.39 -19.40 -22.43
C PHE A 346 -33.24 -19.25 -20.92
N GLY A 347 -34.07 -19.94 -20.16
CA GLY A 347 -33.95 -19.89 -18.71
C GLY A 347 -32.63 -20.45 -18.23
N TRP A 348 -32.18 -21.56 -18.82
CA TRP A 348 -30.92 -22.16 -18.40
C TRP A 348 -29.71 -21.36 -18.84
N ALA A 349 -29.82 -20.57 -19.92
CA ALA A 349 -28.67 -19.80 -20.39
C ALA A 349 -28.21 -18.76 -19.38
N ASN A 350 -29.05 -18.39 -18.42
CA ASN A 350 -28.60 -17.51 -17.35
C ASN A 350 -27.45 -18.12 -16.57
N SER A 351 -27.48 -19.44 -16.37
CA SER A 351 -26.38 -20.11 -15.68
C SER A 351 -25.08 -19.99 -16.47
N SER A 352 -25.17 -19.94 -17.80
CA SER A 352 -23.97 -19.75 -18.61
C SER A 352 -23.48 -18.31 -18.52
N LEU A 353 -24.40 -17.35 -18.55
CA LEU A 353 -24.01 -15.94 -18.56
C LEU A 353 -23.62 -15.41 -17.18
N ASN A 354 -23.96 -16.11 -16.11
CA ASN A 354 -23.67 -15.59 -14.77
C ASN A 354 -22.20 -15.37 -14.47
N PRO A 355 -21.26 -16.28 -14.80
CA PRO A 355 -19.84 -16.00 -14.47
C PRO A 355 -19.32 -14.71 -15.11
N ILE A 356 -19.80 -14.37 -16.30
CA ILE A 356 -19.34 -13.14 -16.96
C ILE A 356 -19.77 -11.91 -16.15
N ILE A 357 -21.01 -11.90 -15.68
CA ILE A 357 -21.57 -10.71 -15.04
C ILE A 357 -21.14 -10.61 -13.59
N TYR A 358 -21.32 -11.68 -12.81
CA TYR A 358 -21.14 -11.63 -11.37
C TYR A 358 -19.75 -12.06 -10.92
N ALA A 359 -18.84 -12.37 -11.86
CA ALA A 359 -17.53 -12.88 -11.44
C ALA A 359 -16.38 -12.31 -12.26
N PHE A 360 -16.58 -11.21 -12.99
CA PHE A 360 -15.45 -10.49 -13.59
C PHE A 360 -15.10 -9.26 -12.77
N ASN A 361 -14.45 -9.53 -11.63
CA ASN A 361 -13.75 -8.49 -10.90
C ASN A 361 -12.32 -8.37 -11.42
N ALA A 362 -11.61 -7.34 -10.96
CA ALA A 362 -10.20 -7.23 -11.29
C ALA A 362 -9.44 -8.41 -10.71
N ASP A 363 -9.72 -8.78 -9.46
CA ASP A 363 -9.07 -9.93 -8.85
C ASP A 363 -9.43 -11.22 -9.57
N PHE A 364 -10.71 -11.39 -9.90
CA PHE A 364 -11.13 -12.60 -10.60
C PHE A 364 -10.52 -12.69 -12.00
N ARG A 365 -10.47 -11.56 -12.72
CA ARG A 365 -9.85 -11.58 -14.04
C ARG A 365 -8.36 -11.88 -13.95
N LYS A 366 -7.67 -11.31 -12.96
CA LYS A 366 -6.27 -11.63 -12.75
C LYS A 366 -6.08 -13.11 -12.45
N ALA A 367 -6.94 -13.66 -11.59
CA ALA A 367 -6.85 -15.08 -11.26
C ALA A 367 -7.08 -15.95 -12.49
N PHE A 368 -8.07 -15.59 -13.32
CA PHE A 368 -8.33 -16.36 -14.53
C PHE A 368 -7.16 -16.28 -15.49
N SER A 369 -6.56 -15.10 -15.65
CA SER A 369 -5.42 -14.96 -16.54
C SER A 369 -4.24 -15.79 -16.05
N THR A 370 -4.00 -15.80 -14.73
CA THR A 370 -2.87 -16.57 -14.20
C THR A 370 -3.12 -18.06 -14.32
N LEU A 371 -4.32 -18.52 -13.99
CA LEU A 371 -4.60 -19.96 -13.98
C LEU A 371 -4.69 -20.52 -15.40
N LEU A 372 -5.40 -19.83 -16.28
CA LEU A 372 -5.54 -20.32 -17.65
C LEU A 372 -4.19 -20.31 -18.38
N GLY A 373 -3.39 -19.27 -18.17
CA GLY A 373 -2.09 -19.18 -18.80
C GLY A 373 -1.96 -17.98 -19.72
N GLN B 7 7.95 -35.36 22.87
CA GLN B 7 8.00 -35.94 21.53
C GLN B 7 6.73 -35.64 20.75
N ARG B 8 5.86 -36.62 20.62
CA ARG B 8 4.52 -36.35 20.11
C ARG B 8 3.69 -35.51 21.09
N ASN B 9 3.92 -35.67 22.39
CA ASN B 9 3.28 -34.76 23.35
C ASN B 9 3.68 -33.31 23.14
N GLU B 10 4.96 -33.03 22.85
CA GLU B 10 5.30 -31.63 22.63
C GLU B 10 4.64 -31.12 21.36
N GLU B 11 4.37 -32.01 20.40
CA GLU B 11 3.60 -31.63 19.23
C GLU B 11 2.15 -31.31 19.57
N LYS B 12 1.56 -32.03 20.52
CA LYS B 12 0.19 -31.70 20.86
C LYS B 12 0.13 -30.43 21.70
N ALA B 13 1.17 -30.17 22.47
CA ALA B 13 1.17 -28.95 23.26
C ALA B 13 1.38 -27.76 22.35
N GLN B 14 2.20 -27.93 21.30
CA GLN B 14 2.41 -26.86 20.35
C GLN B 14 1.15 -26.62 19.54
N ARG B 15 0.39 -27.69 19.28
CA ARG B 15 -0.83 -27.55 18.48
C ARG B 15 -1.90 -26.82 19.26
N GLU B 16 -2.00 -27.09 20.57
CA GLU B 16 -3.00 -26.38 21.35
C GLU B 16 -2.55 -24.98 21.74
N ALA B 17 -1.24 -24.74 21.80
CA ALA B 17 -0.75 -23.37 21.89
C ALA B 17 -1.08 -22.57 20.64
N ASN B 18 -0.93 -23.19 19.46
CA ASN B 18 -1.36 -22.52 18.24
C ASN B 18 -2.87 -22.31 18.22
N LYS B 19 -3.64 -23.24 18.79
CA LYS B 19 -5.09 -23.05 18.78
C LYS B 19 -5.48 -21.88 19.67
N LYS B 20 -4.87 -21.78 20.86
CA LYS B 20 -5.17 -20.65 21.74
C LYS B 20 -4.71 -19.34 21.11
N ILE B 21 -3.66 -19.41 20.29
CA ILE B 21 -3.17 -18.18 19.67
C ILE B 21 -4.16 -17.75 18.60
N GLU B 22 -4.53 -18.68 17.73
CA GLU B 22 -5.35 -18.31 16.59
C GLU B 22 -6.73 -17.84 17.06
N LYS B 23 -7.24 -18.40 18.16
CA LYS B 23 -8.53 -17.93 18.64
C LYS B 23 -8.45 -16.62 19.42
N GLN B 24 -7.31 -16.31 20.03
CA GLN B 24 -7.14 -14.94 20.52
C GLN B 24 -7.05 -13.96 19.36
N LEU B 25 -6.32 -14.32 18.30
CA LEU B 25 -6.26 -13.45 17.13
C LEU B 25 -7.61 -13.35 16.45
N GLN B 26 -8.47 -14.36 16.63
CA GLN B 26 -9.82 -14.31 16.07
C GLN B 26 -10.68 -13.31 16.83
N LYS B 27 -10.51 -13.25 18.15
CA LYS B 27 -11.23 -12.25 18.92
C LYS B 27 -10.71 -10.85 18.61
N ASP B 28 -9.39 -10.74 18.40
CA ASP B 28 -8.77 -9.45 18.06
C ASP B 28 -9.19 -8.94 16.68
N LYS B 29 -9.40 -9.85 15.72
CA LYS B 29 -9.81 -9.47 14.37
C LYS B 29 -11.16 -8.75 14.37
N GLN B 30 -12.12 -9.21 15.15
CA GLN B 30 -13.42 -8.55 15.17
C GLN B 30 -13.32 -7.12 15.68
N VAL B 31 -12.46 -6.90 16.67
CA VAL B 31 -12.26 -5.55 17.20
C VAL B 31 -11.56 -4.66 16.18
N TYR B 32 -10.45 -5.14 15.63
CA TYR B 32 -9.71 -4.38 14.61
C TYR B 32 -10.53 -4.09 13.35
N ARG B 33 -11.43 -5.00 12.95
CA ARG B 33 -12.20 -4.78 11.74
C ARG B 33 -13.18 -3.62 11.86
N ALA B 34 -13.65 -3.31 13.07
CA ALA B 34 -14.68 -2.29 13.20
C ALA B 34 -14.15 -0.93 13.64
N THR B 35 -12.84 -0.75 13.75
CA THR B 35 -12.27 0.53 14.18
C THR B 35 -11.87 1.29 12.93
N HIS B 36 -12.37 2.52 12.80
CA HIS B 36 -12.01 3.38 11.68
C HIS B 36 -10.84 4.29 12.02
N ARG B 37 -9.64 3.93 11.56
CA ARG B 37 -8.47 4.77 11.83
C ARG B 37 -8.48 6.00 10.93
N LEU B 38 -8.26 7.16 11.55
CA LEU B 38 -8.26 8.47 10.90
C LEU B 38 -6.97 9.20 11.23
N LEU B 39 -6.20 9.59 10.22
CA LEU B 39 -4.95 10.28 10.50
C LEU B 39 -5.20 11.77 10.35
N LEU B 40 -4.81 12.55 11.36
CA LEU B 40 -4.94 14.00 11.34
C LEU B 40 -3.60 14.60 10.93
N LEU B 41 -3.59 15.39 9.87
CA LEU B 41 -2.36 16.04 9.43
C LEU B 41 -2.61 17.52 9.16
N GLY B 42 -1.52 18.29 9.12
CA GLY B 42 -1.60 19.72 8.89
C GLY B 42 -0.50 20.45 9.64
N ALA B 43 -0.25 21.67 9.18
CA ALA B 43 0.78 22.52 9.76
C ALA B 43 0.46 22.92 11.20
N ASP B 44 1.45 23.50 11.86
CA ASP B 44 1.25 24.10 13.17
C ASP B 44 0.53 25.43 13.03
N ASN B 45 0.18 26.02 14.16
CA ASN B 45 -0.64 27.24 14.23
C ASN B 45 -1.99 27.06 13.54
N SER B 46 -2.35 25.83 13.21
CA SER B 46 -3.67 25.50 12.71
C SER B 46 -4.59 25.22 13.88
N GLY B 47 -5.86 24.98 13.57
CA GLY B 47 -6.79 24.62 14.62
C GLY B 47 -6.94 23.12 14.81
N LYS B 48 -5.98 22.34 14.32
CA LYS B 48 -6.09 20.89 14.45
C LYS B 48 -6.10 20.47 15.91
N SER B 49 -5.11 20.92 16.69
CA SER B 49 -5.07 20.49 18.08
C SER B 49 -6.27 21.02 18.85
N THR B 50 -6.78 22.20 18.51
CA THR B 50 -7.97 22.67 19.20
C THR B 50 -9.17 21.83 18.81
N ILE B 51 -9.20 21.33 17.57
CA ILE B 51 -10.29 20.48 17.13
C ILE B 51 -10.27 19.18 17.91
N VAL B 52 -9.07 18.62 18.12
CA VAL B 52 -8.96 17.40 18.88
C VAL B 52 -9.34 17.64 20.33
N LYS B 53 -8.94 18.79 20.89
CA LYS B 53 -9.35 19.12 22.25
C LYS B 53 -10.86 19.19 22.38
N GLN B 54 -11.52 19.79 21.38
CA GLN B 54 -12.97 19.89 21.43
C GLN B 54 -13.64 18.53 21.32
N MET B 55 -13.10 17.64 20.47
CA MET B 55 -13.71 16.32 20.33
C MET B 55 -13.59 15.46 21.58
N ARG B 56 -13.01 15.97 22.66
CA ARG B 56 -12.88 15.27 23.93
C ARG B 56 -12.01 14.02 23.79
N ILE B 71 -3.50 14.48 22.64
CA ILE B 71 -2.09 14.29 22.38
C ILE B 71 -1.90 13.45 21.13
N PHE B 72 -1.15 12.36 21.26
CA PHE B 72 -0.88 11.48 20.12
C PHE B 72 -2.17 10.86 19.59
N GLU B 73 -3.01 10.35 20.49
CA GLU B 73 -4.13 9.52 20.10
C GLU B 73 -5.46 10.20 20.45
N THR B 74 -6.52 9.70 19.83
CA THR B 74 -7.89 10.06 20.20
C THR B 74 -8.78 8.90 19.79
N LYS B 75 -9.75 8.59 20.64
CA LYS B 75 -10.73 7.55 20.40
C LYS B 75 -12.13 8.10 20.57
N PHE B 76 -12.95 8.07 19.51
CA PHE B 76 -14.26 8.65 19.70
C PHE B 76 -15.30 7.85 18.92
N GLN B 77 -16.54 7.92 19.39
CA GLN B 77 -17.65 7.18 18.78
C GLN B 77 -18.75 8.10 18.27
N VAL B 78 -19.20 7.85 17.05
CA VAL B 78 -20.39 8.51 16.52
C VAL B 78 -21.36 7.42 16.11
N ASP B 79 -22.57 7.44 16.69
CA ASP B 79 -23.64 6.50 16.35
C ASP B 79 -23.16 5.05 16.30
N LYS B 80 -22.54 4.58 17.39
CA LYS B 80 -22.07 3.20 17.51
C LYS B 80 -20.99 2.86 16.47
N VAL B 81 -20.31 3.86 15.95
CA VAL B 81 -19.22 3.69 14.97
C VAL B 81 -17.96 4.26 15.60
N ASN B 82 -16.95 3.42 15.76
CA ASN B 82 -15.72 3.82 16.44
C ASN B 82 -14.70 4.40 15.47
N PHE B 83 -13.97 5.40 15.97
CA PHE B 83 -12.89 6.03 15.21
C PHE B 83 -11.69 6.08 16.13
N HIS B 84 -10.51 6.05 15.53
CA HIS B 84 -9.26 6.15 16.27
C HIS B 84 -8.41 7.09 15.41
N MET B 85 -8.26 8.32 15.89
CA MET B 85 -7.55 9.40 15.22
C MET B 85 -6.16 9.67 15.79
N PHE B 86 -5.16 9.73 14.91
CA PHE B 86 -3.77 9.92 15.32
C PHE B 86 -3.09 11.05 14.56
N ASP B 87 -2.35 11.88 15.30
CA ASP B 87 -1.54 12.95 14.74
C ASP B 87 -0.08 12.65 15.05
N VAL B 88 0.78 12.72 14.05
CA VAL B 88 2.19 12.42 14.27
C VAL B 88 2.95 13.69 14.68
N GLY B 89 2.91 14.02 15.96
CA GLY B 89 3.52 15.26 16.41
C GLY B 89 4.81 15.08 17.20
N GLY B 90 5.04 13.88 17.73
CA GLY B 90 6.31 13.60 18.39
C GLY B 90 7.45 13.26 17.45
N GLN B 91 7.21 13.22 16.15
CA GLN B 91 8.33 13.10 15.23
C GLN B 91 8.98 14.44 14.91
N ARG B 92 9.94 14.36 13.98
CA ARG B 92 10.58 15.51 13.37
C ARG B 92 9.64 16.14 12.33
N ASP B 93 10.22 16.88 11.39
CA ASP B 93 9.38 17.53 10.39
C ASP B 93 9.48 16.84 9.03
N GLU B 94 10.32 15.82 8.91
CA GLU B 94 10.38 15.07 7.67
C GLU B 94 9.24 14.06 7.69
N ARG B 95 8.14 14.41 7.02
CA ARG B 95 6.97 13.55 6.88
C ARG B 95 7.12 12.52 5.78
N ARG B 96 8.34 12.20 5.38
CA ARG B 96 8.45 11.25 4.28
C ARG B 96 8.37 9.76 4.60
N LYS B 97 9.36 9.16 5.25
CA LYS B 97 9.25 7.73 5.50
C LYS B 97 8.12 7.31 6.43
N TRP B 98 7.74 8.11 7.44
CA TRP B 98 6.65 7.58 8.25
C TRP B 98 5.27 7.71 7.59
N ILE B 99 5.16 8.34 6.42
CA ILE B 99 3.83 8.50 5.84
C ILE B 99 3.27 7.14 5.45
N GLN B 100 4.15 6.23 5.05
CA GLN B 100 3.76 4.90 4.64
C GLN B 100 3.21 4.07 5.79
N CYS B 101 3.21 4.61 7.00
CA CYS B 101 2.53 3.94 8.10
C CYS B 101 1.03 4.16 8.08
N PHE B 102 0.50 4.92 7.11
CA PHE B 102 -0.92 5.25 7.11
C PHE B 102 -1.55 4.99 5.75
N ASN B 103 -1.11 3.96 5.04
CA ASN B 103 -1.70 3.64 3.75
C ASN B 103 -3.06 2.97 3.86
N ASP B 104 -3.43 2.47 5.04
CA ASP B 104 -4.69 1.77 5.23
C ASP B 104 -5.67 2.52 6.11
N VAL B 105 -5.39 3.78 6.44
CA VAL B 105 -6.27 4.55 7.29
C VAL B 105 -7.57 4.81 6.52
N THR B 106 -8.66 5.01 7.26
CA THR B 106 -9.93 5.23 6.61
C THR B 106 -9.94 6.57 5.88
N ALA B 107 -9.38 7.61 6.52
CA ALA B 107 -9.34 8.92 5.91
C ALA B 107 -8.26 9.76 6.59
N ILE B 108 -7.80 10.76 5.84
CA ILE B 108 -6.85 11.74 6.35
C ILE B 108 -7.63 13.03 6.53
N ILE B 109 -7.55 13.61 7.72
CA ILE B 109 -8.18 14.90 8.01
C ILE B 109 -7.09 15.97 7.94
N PHE B 110 -7.07 16.69 6.82
CA PHE B 110 -6.09 17.74 6.60
C PHE B 110 -6.66 19.04 7.14
N VAL B 111 -5.98 19.65 8.10
CA VAL B 111 -6.46 20.87 8.74
C VAL B 111 -5.69 22.05 8.19
N VAL B 112 -6.39 23.11 7.82
CA VAL B 112 -5.77 24.29 7.21
C VAL B 112 -6.31 25.54 7.86
N ASP B 113 -5.47 26.56 7.96
CA ASP B 113 -5.89 27.87 8.44
C ASP B 113 -6.33 28.72 7.25
N SER B 114 -7.57 29.20 7.29
CA SER B 114 -8.12 29.97 6.19
C SER B 114 -7.78 31.45 6.23
N SER B 115 -7.25 31.94 7.34
CA SER B 115 -6.95 33.36 7.45
C SER B 115 -5.51 33.69 7.10
N ASP B 116 -4.60 32.71 7.17
CA ASP B 116 -3.22 32.92 6.76
C ASP B 116 -3.13 32.77 5.25
N TYR B 117 -2.40 33.68 4.59
CA TYR B 117 -2.36 33.69 3.14
C TYR B 117 -1.11 33.05 2.55
N ASN B 118 -0.05 32.89 3.34
CA ASN B 118 1.20 32.32 2.87
C ASN B 118 1.48 30.94 3.45
N ARG B 119 1.22 30.77 4.74
CA ARG B 119 0.92 29.49 5.38
C ARG B 119 0.00 28.62 4.53
N LEU B 120 -0.95 29.26 3.84
CA LEU B 120 -1.89 28.54 3.00
C LEU B 120 -1.26 27.96 1.73
N GLN B 121 -0.27 28.63 1.13
CA GLN B 121 0.38 27.98 0.00
C GLN B 121 1.12 26.73 0.45
N GLU B 122 1.65 26.74 1.67
CA GLU B 122 2.30 25.56 2.20
C GLU B 122 1.28 24.42 2.35
N ALA B 123 0.07 24.77 2.81
CA ALA B 123 -0.98 23.78 2.96
C ALA B 123 -1.40 23.20 1.61
N LEU B 124 -1.44 24.04 0.57
CA LEU B 124 -1.76 23.55 -0.76
C LEU B 124 -0.69 22.59 -1.26
N ASN B 125 0.58 22.91 -1.03
CA ASN B 125 1.65 22.02 -1.45
C ASN B 125 1.62 20.71 -0.69
N LEU B 126 1.35 20.76 0.62
CA LEU B 126 1.25 19.52 1.38
C LEU B 126 0.05 18.69 0.95
N PHE B 127 -1.07 19.33 0.62
CA PHE B 127 -2.22 18.58 0.14
C PHE B 127 -1.90 17.93 -1.20
N LYS B 128 -1.14 18.61 -2.04
CA LYS B 128 -0.81 18.06 -3.34
C LYS B 128 0.11 16.85 -3.18
N SER B 129 1.06 16.94 -2.23
CA SER B 129 1.98 15.83 -2.00
C SER B 129 1.28 14.64 -1.35
N ILE B 130 0.24 14.89 -0.55
CA ILE B 130 -0.51 13.80 0.05
C ILE B 130 -1.41 13.14 -0.97
N TRP B 131 -2.08 13.93 -1.81
CA TRP B 131 -3.03 13.39 -2.77
C TRP B 131 -2.36 12.55 -3.85
N ASN B 132 -1.14 12.89 -4.26
CA ASN B 132 -0.45 12.10 -5.27
C ASN B 132 0.56 11.11 -4.70
N ASN B 133 0.46 10.79 -3.41
CA ASN B 133 1.44 9.89 -2.83
C ASN B 133 1.27 8.48 -3.40
N ARG B 134 2.39 7.81 -3.64
CA ARG B 134 2.31 6.47 -4.24
C ARG B 134 1.62 5.50 -3.30
N TRP B 135 1.68 5.75 -1.98
CA TRP B 135 1.13 4.85 -0.99
C TRP B 135 -0.19 5.32 -0.41
N LEU B 136 -0.73 6.43 -0.92
CA LEU B 136 -1.99 6.97 -0.42
C LEU B 136 -2.97 7.17 -1.57
N ARG B 137 -2.88 6.31 -2.58
CA ARG B 137 -3.69 6.47 -3.79
C ARG B 137 -5.17 6.32 -3.50
N THR B 138 -5.52 5.58 -2.45
CA THR B 138 -6.90 5.29 -2.11
C THR B 138 -7.35 5.96 -0.81
N ILE B 139 -6.53 6.85 -0.26
CA ILE B 139 -6.88 7.51 0.99
C ILE B 139 -7.58 8.81 0.66
N SER B 140 -8.85 8.91 1.03
CA SER B 140 -9.62 10.14 0.88
C SER B 140 -9.28 11.13 1.99
N VAL B 141 -9.36 12.42 1.65
CA VAL B 141 -8.98 13.46 2.59
C VAL B 141 -10.19 14.33 2.89
N ILE B 142 -10.38 14.64 4.16
CA ILE B 142 -11.38 15.58 4.64
C ILE B 142 -10.70 16.89 4.94
N LEU B 143 -11.05 17.94 4.20
CA LEU B 143 -10.34 19.20 4.32
C LEU B 143 -11.10 20.08 5.30
N PHE B 144 -10.47 20.47 6.40
CA PHE B 144 -11.08 21.40 7.34
C PHE B 144 -10.49 22.79 7.13
N LEU B 145 -11.30 23.72 6.62
CA LEU B 145 -10.90 25.11 6.46
C LEU B 145 -11.24 25.90 7.71
N ASN B 146 -10.35 25.88 8.71
CA ASN B 146 -10.70 26.39 10.02
C ASN B 146 -10.58 27.91 10.07
N LYS B 147 -11.07 28.48 11.16
CA LYS B 147 -10.92 29.92 11.43
C LYS B 147 -11.58 30.77 10.35
N GLN B 148 -12.82 30.42 10.01
CA GLN B 148 -13.56 31.19 9.01
C GLN B 148 -13.95 32.55 9.57
N ASP B 149 -14.15 32.65 10.89
CA ASP B 149 -14.48 33.92 11.50
C ASP B 149 -13.32 34.91 11.34
N LEU B 150 -12.09 34.44 11.54
CA LEU B 150 -10.94 35.30 11.32
C LEU B 150 -10.81 35.68 9.85
N LEU B 151 -11.12 34.73 8.94
CA LEU B 151 -11.06 35.04 7.53
C LEU B 151 -12.04 36.15 7.19
N ALA B 152 -13.26 36.07 7.72
CA ALA B 152 -14.23 37.14 7.53
C ALA B 152 -13.74 38.44 8.13
N GLU B 153 -13.03 38.37 9.26
CA GLU B 153 -12.48 39.57 9.87
C GLU B 153 -11.50 40.25 8.93
N LYS B 154 -10.59 39.47 8.37
CA LYS B 154 -9.55 40.04 7.51
C LYS B 154 -10.15 40.56 6.21
N VAL B 155 -11.13 39.86 5.64
CA VAL B 155 -11.70 40.33 4.38
C VAL B 155 -12.49 41.61 4.61
N LEU B 156 -13.29 41.69 5.68
CA LEU B 156 -14.07 42.89 5.91
C LEU B 156 -13.17 44.06 6.29
N ALA B 157 -12.03 43.78 6.94
CA ALA B 157 -11.10 44.85 7.28
C ALA B 157 -10.46 45.43 6.02
N GLY B 158 -10.12 44.57 5.06
CA GLY B 158 -9.57 45.05 3.81
C GLY B 158 -8.16 45.59 3.89
N LYS B 159 -7.37 45.11 4.86
CA LYS B 159 -5.98 45.53 4.96
C LYS B 159 -5.03 44.58 4.25
N SER B 160 -5.26 43.27 4.36
CA SER B 160 -4.52 42.27 3.61
C SER B 160 -5.49 41.55 2.68
N LYS B 161 -5.44 41.88 1.39
CA LYS B 161 -6.36 41.36 0.40
C LYS B 161 -5.79 40.15 -0.30
N ILE B 162 -6.68 39.21 -0.65
CA ILE B 162 -6.28 37.92 -1.21
C ILE B 162 -5.58 38.12 -2.55
N GLU B 163 -5.93 39.18 -3.29
CA GLU B 163 -5.35 39.37 -4.62
C GLU B 163 -3.85 39.61 -4.55
N ASP B 164 -3.35 40.14 -3.43
CA ASP B 164 -1.91 40.35 -3.33
C ASP B 164 -1.18 39.02 -3.21
N TYR B 165 -1.85 37.99 -2.68
CA TYR B 165 -1.26 36.67 -2.53
C TYR B 165 -1.76 35.69 -3.58
N PHE B 166 -3.02 35.80 -3.98
CA PHE B 166 -3.61 34.98 -5.03
C PHE B 166 -4.23 35.91 -6.07
N PRO B 167 -3.47 36.35 -7.07
CA PRO B 167 -4.02 37.27 -8.07
C PRO B 167 -5.22 36.71 -8.81
N GLU B 168 -5.37 35.38 -8.83
CA GLU B 168 -6.55 34.76 -9.43
C GLU B 168 -7.81 35.27 -8.77
N PHE B 169 -7.74 35.67 -7.50
CA PHE B 169 -8.92 36.10 -6.78
C PHE B 169 -9.55 37.31 -7.43
N ALA B 170 -8.78 38.06 -8.22
CA ALA B 170 -9.36 39.25 -8.84
C ALA B 170 -10.39 38.82 -9.88
N ARG B 171 -10.09 37.76 -10.62
CA ARG B 171 -10.97 37.24 -11.67
C ARG B 171 -11.91 36.15 -11.17
N TYR B 172 -11.96 35.89 -9.87
CA TYR B 172 -12.79 34.81 -9.36
C TYR B 172 -14.25 35.21 -9.25
N THR B 173 -15.13 34.29 -9.65
CA THR B 173 -16.57 34.49 -9.62
C THR B 173 -17.18 33.58 -8.56
N THR B 174 -18.04 34.14 -7.72
CA THR B 174 -18.72 33.34 -6.71
C THR B 174 -19.50 32.20 -7.37
N PRO B 175 -19.32 30.96 -6.92
CA PRO B 175 -20.01 29.84 -7.57
C PRO B 175 -21.53 29.98 -7.48
N GLU B 176 -22.22 29.45 -8.48
CA GLU B 176 -23.68 29.43 -8.47
C GLU B 176 -24.26 28.41 -7.49
N ASP B 177 -23.44 27.55 -6.90
CA ASP B 177 -23.92 26.58 -5.93
C ASP B 177 -23.64 27.01 -4.50
N ALA B 178 -23.15 28.23 -4.30
CA ALA B 178 -22.73 28.69 -2.99
C ALA B 178 -23.94 28.88 -2.08
N THR B 179 -23.77 28.51 -0.81
CA THR B 179 -24.81 28.62 0.21
C THR B 179 -24.26 29.49 1.34
N PRO B 180 -24.36 30.81 1.23
CA PRO B 180 -23.88 31.68 2.30
C PRO B 180 -24.81 31.65 3.50
N GLU B 181 -24.23 31.85 4.68
CA GLU B 181 -24.99 31.88 5.91
C GLU B 181 -25.76 33.20 6.01
N PRO B 182 -26.81 33.25 6.83
CA PRO B 182 -27.61 34.48 6.95
C PRO B 182 -26.76 35.66 7.39
N GLY B 183 -26.77 36.72 6.58
CA GLY B 183 -25.99 37.91 6.86
C GLY B 183 -24.57 37.89 6.35
N GLU B 184 -24.12 36.78 5.77
CA GLU B 184 -22.74 36.66 5.33
C GLU B 184 -22.46 37.63 4.18
N ASP B 185 -21.37 38.37 4.30
CA ASP B 185 -20.97 39.33 3.28
C ASP B 185 -20.58 38.58 2.01
N PRO B 186 -21.06 39.01 0.83
CA PRO B 186 -20.62 38.36 -0.42
C PRO B 186 -19.12 38.32 -0.61
N ARG B 187 -18.39 39.25 -0.01
CA ARG B 187 -16.93 39.20 -0.05
C ARG B 187 -16.41 37.97 0.70
N VAL B 188 -17.01 37.66 1.86
CA VAL B 188 -16.57 36.49 2.61
C VAL B 188 -16.95 35.23 1.85
N THR B 189 -18.13 35.23 1.23
CA THR B 189 -18.55 34.06 0.47
C THR B 189 -17.58 33.80 -0.66
N ARG B 190 -17.16 34.86 -1.35
CA ARG B 190 -16.26 34.66 -2.48
C ARG B 190 -14.88 34.25 -1.99
N ALA B 191 -14.47 34.73 -0.82
CA ALA B 191 -13.14 34.39 -0.33
C ALA B 191 -13.06 32.93 0.09
N LYS B 192 -14.05 32.47 0.87
CA LYS B 192 -13.97 31.10 1.35
C LYS B 192 -14.30 30.11 0.24
N TYR B 193 -15.08 30.50 -0.76
CA TYR B 193 -15.30 29.60 -1.88
C TYR B 193 -14.12 29.61 -2.84
N PHE B 194 -13.33 30.68 -2.80
CA PHE B 194 -12.10 30.73 -3.55
C PHE B 194 -11.06 29.77 -2.96
N ILE B 195 -10.87 29.80 -1.64
CA ILE B 195 -9.99 28.81 -1.00
C ILE B 195 -10.51 27.40 -1.22
N ARG B 196 -11.83 27.25 -1.21
CA ARG B 196 -12.43 25.94 -1.48
C ARG B 196 -11.99 25.46 -2.84
N ASP B 197 -12.03 26.33 -3.85
CA ASP B 197 -11.69 25.81 -5.16
C ASP B 197 -10.19 25.65 -5.36
N GLU B 198 -9.31 26.34 -4.61
CA GLU B 198 -7.90 25.98 -4.82
C GLU B 198 -7.65 24.57 -4.32
N PHE B 199 -8.37 24.15 -3.29
CA PHE B 199 -8.14 22.76 -2.89
C PHE B 199 -8.91 21.77 -3.76
N LEU B 200 -10.08 22.14 -4.28
CA LEU B 200 -10.77 21.21 -5.16
C LEU B 200 -10.04 21.07 -6.50
N ARG B 201 -9.36 22.12 -6.97
CA ARG B 201 -8.56 22.03 -8.19
C ARG B 201 -7.43 21.03 -8.06
N ILE B 202 -6.96 20.77 -6.84
CA ILE B 202 -5.95 19.74 -6.66
C ILE B 202 -6.60 18.38 -6.52
N SER B 203 -7.70 18.29 -5.77
CA SER B 203 -8.27 16.97 -5.53
C SER B 203 -8.88 16.35 -6.77
N THR B 204 -9.47 17.16 -7.66
CA THR B 204 -10.09 16.64 -8.87
C THR B 204 -9.11 16.51 -10.03
N ALA B 205 -7.89 17.01 -9.87
CA ALA B 205 -6.91 16.91 -10.96
C ALA B 205 -6.34 15.50 -11.15
N SER B 206 -6.36 14.67 -10.11
CA SER B 206 -5.82 13.32 -10.27
C SER B 206 -6.46 12.28 -9.37
N GLY B 207 -7.61 12.57 -8.77
CA GLY B 207 -8.23 11.57 -7.92
C GLY B 207 -8.81 10.40 -8.70
N ASP B 208 -9.44 10.69 -9.83
CA ASP B 208 -9.97 9.75 -10.81
C ASP B 208 -10.86 8.70 -10.16
N GLY B 209 -11.70 9.11 -9.22
CA GLY B 209 -12.69 8.29 -8.55
C GLY B 209 -12.14 7.30 -7.56
N ARG B 210 -10.81 7.19 -7.41
CA ARG B 210 -10.26 6.24 -6.45
C ARG B 210 -10.44 6.76 -5.02
N HIS B 211 -10.47 8.08 -4.85
CA HIS B 211 -10.68 8.72 -3.57
C HIS B 211 -11.17 10.14 -3.80
N TYR B 212 -11.73 10.75 -2.76
CA TYR B 212 -12.37 12.06 -2.89
C TYR B 212 -11.97 12.99 -1.74
N CYS B 213 -12.29 14.26 -1.91
CA CYS B 213 -12.03 15.30 -0.93
C CYS B 213 -13.34 15.99 -0.56
N TYR B 214 -13.59 16.15 0.74
CA TYR B 214 -14.84 16.74 1.22
C TYR B 214 -14.56 17.99 2.02
N PRO B 215 -14.66 19.18 1.43
CA PRO B 215 -14.34 20.41 2.14
C PRO B 215 -15.43 20.82 3.12
N HIS B 216 -15.01 21.49 4.18
CA HIS B 216 -15.97 21.97 5.18
C HIS B 216 -15.45 23.27 5.77
N PHE B 217 -16.36 24.22 5.93
CA PHE B 217 -16.07 25.49 6.58
C PHE B 217 -16.31 25.38 8.08
N THR B 218 -15.27 25.62 8.88
CA THR B 218 -15.33 25.40 10.31
C THR B 218 -14.83 26.65 11.02
N CYS B 219 -15.29 26.83 12.25
CA CYS B 219 -14.75 27.83 13.16
C CYS B 219 -14.41 27.17 14.49
N ALA B 220 -13.69 27.91 15.33
CA ALA B 220 -13.11 27.31 16.53
C ALA B 220 -14.19 26.90 17.53
N VAL B 221 -15.33 27.58 17.49
CA VAL B 221 -16.43 27.24 18.39
C VAL B 221 -17.38 26.20 17.80
N ASP B 222 -17.21 25.85 16.53
CA ASP B 222 -18.07 24.86 15.91
C ASP B 222 -17.87 23.49 16.56
N THR B 223 -18.99 22.80 16.82
CA THR B 223 -18.96 21.51 17.49
C THR B 223 -19.52 20.38 16.62
N GLU B 224 -19.83 20.65 15.35
CA GLU B 224 -20.37 19.64 14.46
C GLU B 224 -19.29 18.97 13.61
N ASN B 225 -18.02 19.08 14.01
CA ASN B 225 -16.95 18.44 13.26
C ASN B 225 -17.07 16.92 13.32
N ALA B 226 -17.43 16.38 14.49
CA ALA B 226 -17.52 14.93 14.64
C ALA B 226 -18.59 14.34 13.72
N ARG B 227 -19.73 15.02 13.61
CA ARG B 227 -20.77 14.56 12.71
C ARG B 227 -20.33 14.63 11.25
N ARG B 228 -19.60 15.70 10.89
CA ARG B 228 -19.16 15.87 9.52
C ARG B 228 -18.18 14.76 9.11
N ILE B 229 -17.27 14.38 10.02
CA ILE B 229 -16.35 13.30 9.71
C ILE B 229 -17.09 11.98 9.54
N PHE B 230 -18.13 11.76 10.35
CA PHE B 230 -18.93 10.55 10.22
C PHE B 230 -19.64 10.51 8.87
N ASN B 231 -20.24 11.63 8.46
CA ASN B 231 -20.90 11.68 7.16
C ASN B 231 -19.90 11.46 6.03
N ASP B 232 -18.71 12.07 6.14
CA ASP B 232 -17.71 11.91 5.10
C ASP B 232 -17.22 10.47 5.03
N CYS B 233 -17.07 9.79 6.17
CA CYS B 233 -16.66 8.39 6.14
C CYS B 233 -17.76 7.51 5.56
N ARG B 234 -19.02 7.81 5.87
CA ARG B 234 -20.13 7.13 5.21
C ARG B 234 -20.01 7.26 3.70
N ASP B 235 -19.78 8.48 3.21
CA ASP B 235 -19.67 8.68 1.78
C ASP B 235 -18.45 7.98 1.20
N ILE B 236 -17.35 7.96 1.94
CA ILE B 236 -16.13 7.29 1.47
C ILE B 236 -16.39 5.80 1.26
N ILE B 237 -17.01 5.15 2.26
CA ILE B 237 -17.26 3.72 2.13
C ILE B 237 -18.34 3.45 1.09
N GLN B 238 -19.33 4.32 0.98
CA GLN B 238 -20.34 4.17 -0.08
C GLN B 238 -19.70 4.20 -1.45
N ARG B 239 -18.82 5.18 -1.69
CA ARG B 239 -18.18 5.30 -3.00
C ARG B 239 -17.08 4.28 -3.21
N MET B 240 -16.59 3.65 -2.15
CA MET B 240 -15.71 2.50 -2.32
C MET B 240 -16.50 1.25 -2.74
N HIS B 241 -17.65 1.03 -2.12
CA HIS B 241 -18.48 -0.13 -2.49
C HIS B 241 -19.09 0.05 -3.87
N LEU B 242 -19.52 1.27 -4.21
CA LEU B 242 -20.08 1.50 -5.54
C LEU B 242 -19.04 1.26 -6.63
N ARG B 243 -17.80 1.70 -6.40
CA ARG B 243 -16.74 1.43 -7.36
C ARG B 243 -16.37 -0.05 -7.38
N GLN B 244 -16.48 -0.72 -6.23
CA GLN B 244 -16.19 -2.15 -6.17
C GLN B 244 -17.17 -2.96 -7.01
N TYR B 245 -18.42 -2.52 -7.13
CA TYR B 245 -19.43 -3.19 -7.94
C TYR B 245 -19.57 -2.56 -9.32
N GLU B 246 -18.64 -1.69 -9.70
CA GLU B 246 -18.54 -1.07 -11.02
C GLU B 246 -19.66 -0.10 -11.32
N LEU B 247 -20.42 0.34 -10.32
CA LEU B 247 -21.45 1.34 -10.58
C LEU B 247 -20.84 2.74 -10.71
N LEU B 248 -20.22 3.24 -9.64
CA LEU B 248 -19.65 4.59 -9.67
C LEU B 248 -18.23 4.55 -10.24
N GLN C 23 27.60 10.04 -4.47
CA GLN C 23 27.22 11.12 -3.56
C GLN C 23 26.37 12.17 -4.26
N VAL C 24 25.23 12.49 -3.66
CA VAL C 24 24.34 13.52 -4.20
C VAL C 24 25.01 14.88 -4.02
N GLN C 25 25.03 15.69 -5.08
CA GLN C 25 25.65 17.00 -5.05
C GLN C 25 24.77 18.00 -5.80
N LEU C 26 24.50 19.14 -5.14
CA LEU C 26 23.73 20.23 -5.73
C LEU C 26 24.42 21.54 -5.37
N GLN C 27 24.74 22.34 -6.38
CA GLN C 27 25.41 23.62 -6.16
C GLN C 27 24.61 24.73 -6.85
N GLU C 28 24.15 25.70 -6.07
CA GLU C 28 23.49 26.87 -6.63
C GLU C 28 24.53 27.92 -7.01
N SER C 29 24.24 28.67 -8.08
CA SER C 29 25.14 29.70 -8.54
C SER C 29 24.31 30.84 -9.11
N GLY C 30 24.89 32.04 -9.05
CA GLY C 30 24.20 33.26 -9.44
C GLY C 30 23.53 33.95 -8.27
N GLY C 31 23.10 35.18 -8.52
CA GLY C 31 22.44 35.96 -7.49
C GLY C 31 23.35 36.93 -6.78
N GLY C 32 22.80 38.07 -6.36
CA GLY C 32 23.59 39.07 -5.68
C GLY C 32 22.81 40.36 -5.56
N LEU C 33 23.52 41.42 -5.17
CA LEU C 33 22.90 42.73 -5.04
C LEU C 33 22.47 43.23 -6.41
N VAL C 34 21.25 43.78 -6.47
CA VAL C 34 20.69 44.30 -7.71
C VAL C 34 19.55 45.23 -7.34
N GLN C 35 19.40 46.31 -8.13
CA GLN C 35 18.31 47.24 -7.90
C GLN C 35 16.98 46.58 -8.27
N PRO C 36 15.88 47.03 -7.66
CA PRO C 36 14.58 46.46 -8.01
C PRO C 36 14.26 46.66 -9.49
N GLY C 37 13.62 45.65 -10.08
CA GLY C 37 13.30 45.66 -11.49
C GLY C 37 14.30 44.96 -12.38
N GLY C 38 15.44 44.53 -11.84
CA GLY C 38 16.41 43.81 -12.64
C GLY C 38 16.04 42.36 -12.84
N SER C 39 16.59 41.78 -13.91
CA SER C 39 16.37 40.38 -14.25
C SER C 39 17.64 39.59 -13.99
N LEU C 40 17.50 38.47 -13.29
CA LEU C 40 18.65 37.67 -12.89
C LEU C 40 18.31 36.18 -12.97
N ARG C 41 19.31 35.39 -13.36
CA ARG C 41 19.15 33.96 -13.55
C ARG C 41 20.05 33.21 -12.58
N LEU C 42 19.45 32.27 -11.83
CA LEU C 42 20.19 31.35 -10.98
C LEU C 42 20.27 29.99 -11.66
N SER C 43 21.43 29.33 -11.51
CA SER C 43 21.67 28.03 -12.12
C SER C 43 22.06 27.04 -11.04
N CYS C 44 21.33 25.94 -10.95
CA CYS C 44 21.62 24.86 -10.02
C CYS C 44 22.24 23.71 -10.78
N ALA C 45 23.49 23.39 -10.46
CA ALA C 45 24.20 22.27 -11.07
C ALA C 45 24.04 21.03 -10.19
N ALA C 46 23.74 19.91 -10.83
CA ALA C 46 23.43 18.67 -10.13
C ALA C 46 24.37 17.57 -10.58
N SER C 47 24.73 16.71 -9.63
CA SER C 47 25.56 15.54 -9.94
C SER C 47 25.24 14.45 -8.93
N GLY C 48 25.50 13.21 -9.34
CA GLY C 48 25.26 12.05 -8.50
C GLY C 48 23.96 11.33 -8.75
N PHE C 49 23.14 11.79 -9.69
CA PHE C 49 21.89 11.12 -10.01
C PHE C 49 21.50 11.44 -11.45
N THR C 50 20.58 10.64 -11.98
CA THR C 50 20.04 10.86 -13.31
C THR C 50 19.02 11.99 -13.26
N PHE C 51 19.39 13.16 -13.77
CA PHE C 51 18.57 14.35 -13.61
C PHE C 51 17.18 14.20 -14.21
N SER C 52 17.01 13.29 -15.18
CA SER C 52 15.74 13.20 -15.88
C SER C 52 14.65 12.56 -15.03
N ASN C 53 15.03 11.89 -13.94
CA ASN C 53 14.08 11.08 -13.17
C ASN C 53 13.55 11.78 -11.93
N TYR C 54 13.94 13.03 -11.67
CA TYR C 54 13.59 13.68 -10.41
C TYR C 54 12.86 15.00 -10.64
N LYS C 55 11.72 15.16 -9.99
CA LYS C 55 11.02 16.43 -9.90
C LYS C 55 11.87 17.42 -9.13
N MET C 56 11.89 18.68 -9.55
CA MET C 56 12.76 19.67 -8.96
C MET C 56 11.98 20.84 -8.40
N ASN C 57 12.54 21.49 -7.37
CA ASN C 57 11.93 22.66 -6.77
C ASN C 57 12.98 23.75 -6.57
N TRP C 58 12.52 24.99 -6.63
CA TRP C 58 13.30 26.15 -6.21
C TRP C 58 12.56 26.79 -5.04
N VAL C 59 13.18 26.74 -3.87
CA VAL C 59 12.61 27.31 -2.65
C VAL C 59 13.52 28.44 -2.20
N ARG C 60 13.06 29.19 -1.19
CA ARG C 60 13.88 30.26 -0.67
C ARG C 60 13.56 30.50 0.79
N GLN C 61 14.52 31.08 1.50
CA GLN C 61 14.38 31.43 2.92
C GLN C 61 14.79 32.89 3.09
N ALA C 62 13.81 33.75 3.34
CA ALA C 62 14.11 35.14 3.63
C ALA C 62 14.53 35.28 5.10
N PRO C 63 15.34 36.30 5.42
CA PRO C 63 15.70 36.53 6.82
C PRO C 63 14.47 36.78 7.67
N GLY C 64 14.48 36.22 8.87
CA GLY C 64 13.36 36.37 9.78
C GLY C 64 12.18 35.46 9.52
N LYS C 65 12.32 34.49 8.62
CA LYS C 65 11.23 33.56 8.33
C LYS C 65 11.81 32.26 7.81
N GLY C 66 10.96 31.22 7.81
CA GLY C 66 11.39 29.89 7.43
C GLY C 66 11.36 29.65 5.94
N LEU C 67 11.69 28.41 5.56
CA LEU C 67 11.71 28.02 4.16
C LEU C 67 10.30 28.06 3.57
N GLU C 68 10.21 28.56 2.33
CA GLU C 68 8.95 28.52 1.60
C GLU C 68 9.22 28.11 0.15
N TRP C 69 8.25 27.43 -0.43
CA TRP C 69 8.36 26.97 -1.81
C TRP C 69 8.05 28.11 -2.77
N VAL C 70 8.82 28.19 -3.85
CA VAL C 70 8.67 29.26 -4.84
C VAL C 70 8.24 28.71 -6.20
N SER C 71 8.99 27.76 -6.75
CA SER C 71 8.65 27.23 -8.06
C SER C 71 8.89 25.72 -8.08
N ASP C 72 8.14 25.04 -8.94
CA ASP C 72 8.19 23.59 -9.08
C ASP C 72 8.24 23.23 -10.55
N ILE C 73 9.08 22.27 -10.91
CA ILE C 73 9.18 21.79 -12.27
C ILE C 73 9.19 20.26 -12.25
N SER C 74 8.52 19.66 -13.22
CA SER C 74 8.26 18.22 -13.22
C SER C 74 9.43 17.48 -13.88
N GLN C 75 9.21 16.19 -14.16
CA GLN C 75 10.30 15.34 -14.65
C GLN C 75 10.82 15.79 -16.00
N SER C 76 9.91 16.14 -16.92
CA SER C 76 10.29 16.47 -18.29
C SER C 76 10.07 17.94 -18.63
N GLY C 77 9.68 18.75 -17.66
CA GLY C 77 9.39 20.15 -17.91
C GLY C 77 8.04 20.41 -18.53
N ALA C 78 7.22 19.39 -18.73
CA ALA C 78 5.89 19.58 -19.29
C ALA C 78 5.00 20.39 -18.34
N SER C 79 5.08 20.12 -17.04
CA SER C 79 4.28 20.80 -16.05
C SER C 79 5.18 21.65 -15.16
N ILE C 80 4.75 22.88 -14.91
CA ILE C 80 5.43 23.80 -14.01
C ILE C 80 4.39 24.44 -13.10
N SER C 81 4.87 24.93 -11.96
CA SER C 81 3.99 25.59 -11.00
C SER C 81 4.77 26.68 -10.27
N TYR C 82 4.04 27.71 -9.83
CA TYR C 82 4.61 28.82 -9.11
C TYR C 82 3.67 29.22 -7.99
N THR C 83 4.23 29.88 -6.98
CA THR C 83 3.39 30.44 -5.93
C THR C 83 2.82 31.79 -6.37
N GLY C 84 1.71 32.18 -5.73
CA GLY C 84 1.03 33.39 -6.14
C GLY C 84 1.84 34.65 -5.90
N SER C 85 2.79 34.60 -4.96
CA SER C 85 3.59 35.77 -4.65
C SER C 85 4.46 36.17 -5.83
N VAL C 86 5.05 35.19 -6.53
CA VAL C 86 5.97 35.46 -7.62
C VAL C 86 5.37 35.08 -8.98
N LYS C 87 4.07 34.86 -9.05
CA LYS C 87 3.45 34.47 -10.30
C LYS C 87 3.50 35.62 -11.30
N GLY C 88 3.78 35.29 -12.56
CA GLY C 88 3.86 36.27 -13.62
C GLY C 88 5.24 36.85 -13.85
N ARG C 89 6.19 36.64 -12.93
CA ARG C 89 7.55 37.13 -13.07
C ARG C 89 8.57 36.01 -13.08
N PHE C 90 8.46 35.06 -12.16
CA PHE C 90 9.44 34.00 -12.04
C PHE C 90 9.19 32.91 -13.07
N THR C 91 10.26 32.37 -13.64
CA THR C 91 10.18 31.23 -14.54
C THR C 91 11.19 30.17 -14.12
N ILE C 92 10.83 28.91 -14.30
CA ILE C 92 11.67 27.78 -13.94
C ILE C 92 11.85 26.89 -15.16
N SER C 93 13.10 26.54 -15.47
CA SER C 93 13.40 25.76 -16.66
C SER C 93 14.55 24.80 -16.38
N ARG C 94 14.35 23.53 -16.72
CA ARG C 94 15.35 22.50 -16.48
C ARG C 94 15.90 21.98 -17.81
N ASP C 95 17.13 21.49 -17.78
CA ASP C 95 17.72 20.81 -18.93
C ASP C 95 18.30 19.50 -18.43
N ASN C 96 17.72 18.39 -18.91
CA ASN C 96 18.19 17.07 -18.53
C ASN C 96 19.50 16.72 -19.21
N ALA C 97 19.70 17.23 -20.43
CA ALA C 97 20.89 16.89 -21.20
C ALA C 97 22.16 17.36 -20.51
N LYS C 98 22.21 18.62 -20.10
CA LYS C 98 23.38 19.12 -19.39
C LYS C 98 23.19 19.11 -17.88
N ASN C 99 22.11 18.53 -17.38
CA ASN C 99 21.97 18.20 -15.97
C ASN C 99 21.95 19.48 -15.12
N THR C 100 21.08 20.42 -15.47
CA THR C 100 21.11 21.72 -14.78
C THR C 100 19.72 22.34 -14.73
N LEU C 101 19.38 22.90 -13.57
CA LEU C 101 18.16 23.66 -13.35
C LEU C 101 18.44 25.15 -13.44
N TYR C 102 17.42 25.93 -13.81
CA TYR C 102 17.55 27.38 -13.91
C TYR C 102 16.29 28.06 -13.44
N LEU C 103 16.46 29.19 -12.77
CA LEU C 103 15.36 30.04 -12.34
C LEU C 103 15.63 31.47 -12.78
N GLN C 104 14.71 32.04 -13.54
CA GLN C 104 14.82 33.41 -14.03
C GLN C 104 13.84 34.31 -13.28
N MET C 105 14.33 35.43 -12.78
CA MET C 105 13.52 36.41 -12.07
C MET C 105 13.51 37.71 -12.85
N ASN C 106 12.34 38.28 -13.03
CA ASN C 106 12.18 39.57 -13.69
C ASN C 106 11.34 40.49 -12.82
N SER C 107 11.68 41.79 -12.85
CA SER C 107 10.99 42.81 -12.06
C SER C 107 11.00 42.45 -10.57
N LEU C 108 12.21 42.41 -10.01
CA LEU C 108 12.38 42.00 -8.62
C LEU C 108 11.76 43.02 -7.67
N LYS C 109 11.31 42.53 -6.52
CA LYS C 109 10.65 43.34 -5.50
C LYS C 109 11.46 43.32 -4.21
N PRO C 110 11.28 44.33 -3.35
CA PRO C 110 12.06 44.39 -2.11
C PRO C 110 11.84 43.20 -1.19
N GLU C 111 10.73 42.49 -1.32
CA GLU C 111 10.46 41.34 -0.47
C GLU C 111 11.05 40.05 -1.02
N ASP C 112 11.74 40.10 -2.16
CA ASP C 112 12.35 38.93 -2.77
C ASP C 112 13.79 38.71 -2.31
N THR C 113 14.18 39.27 -1.17
CA THR C 113 15.51 39.08 -0.62
C THR C 113 15.53 37.81 0.21
N ALA C 114 16.17 36.77 -0.30
CA ALA C 114 16.17 35.48 0.37
C ALA C 114 17.35 34.65 -0.14
N VAL C 115 17.66 33.59 0.62
CA VAL C 115 18.64 32.61 0.19
C VAL C 115 17.89 31.54 -0.59
N TYR C 116 18.33 31.28 -1.82
CA TYR C 116 17.59 30.42 -2.75
C TYR C 116 18.22 29.04 -2.77
N TYR C 117 17.40 28.02 -2.53
CA TYR C 117 17.83 26.63 -2.49
C TYR C 117 17.21 25.88 -3.67
N CYS C 118 18.02 25.12 -4.38
CA CYS C 118 17.49 24.16 -5.34
C CYS C 118 17.37 22.79 -4.68
N ALA C 119 16.18 22.22 -4.71
CA ALA C 119 15.89 20.99 -3.99
C ALA C 119 15.42 19.92 -4.94
N ARG C 120 15.80 18.68 -4.64
CA ARG C 120 15.38 17.51 -5.38
C ARG C 120 14.26 16.81 -4.61
N CYS C 121 13.20 16.47 -5.31
CA CYS C 121 12.11 15.73 -4.69
C CYS C 121 12.63 14.33 -4.34
N PRO C 122 12.27 13.78 -3.18
CA PRO C 122 13.06 12.67 -2.61
C PRO C 122 13.17 11.44 -3.51
N ALA C 123 12.11 11.08 -4.23
CA ALA C 123 12.19 9.77 -4.87
C ALA C 123 12.01 9.88 -6.39
N PRO C 124 12.63 8.97 -7.14
CA PRO C 124 12.43 8.97 -8.59
C PRO C 124 11.04 8.48 -8.96
N PHE C 125 10.61 8.87 -10.16
CA PHE C 125 9.35 8.39 -10.75
C PHE C 125 8.15 8.66 -9.84
N THR C 126 8.11 9.87 -9.28
CA THR C 126 7.06 10.18 -8.31
C THR C 126 6.77 11.68 -8.35
N ARG C 127 5.48 12.01 -8.17
CA ARG C 127 5.03 13.39 -8.14
C ARG C 127 4.93 13.93 -6.71
N ASP C 128 5.75 13.42 -5.79
CA ASP C 128 5.73 13.78 -4.40
C ASP C 128 7.00 14.55 -4.03
N CYS C 129 6.83 15.56 -3.20
CA CYS C 129 7.96 16.35 -2.72
C CYS C 129 7.70 16.78 -1.28
N PHE C 130 8.69 16.56 -0.42
CA PHE C 130 8.64 16.90 1.00
C PHE C 130 9.91 17.64 1.39
N ASP C 131 10.28 18.65 0.60
CA ASP C 131 11.61 19.22 0.62
C ASP C 131 11.63 20.66 1.15
N VAL C 132 10.60 21.06 1.89
CA VAL C 132 10.58 22.38 2.50
C VAL C 132 11.04 22.31 3.96
N THR C 133 11.69 21.21 4.33
CA THR C 133 12.12 21.01 5.70
C THR C 133 13.07 22.11 6.14
N SER C 134 12.76 22.73 7.28
CA SER C 134 13.54 23.87 7.73
C SER C 134 14.90 23.46 8.27
N THR C 135 14.94 22.37 9.04
CA THR C 135 16.17 22.04 9.76
C THR C 135 17.20 21.37 8.85
N THR C 136 16.88 20.19 8.35
CA THR C 136 17.84 19.39 7.57
C THR C 136 17.10 18.67 6.47
N TYR C 137 17.54 18.85 5.23
CA TYR C 137 17.15 18.01 4.11
C TYR C 137 18.40 17.50 3.43
N ALA C 138 18.42 16.21 3.08
CA ALA C 138 19.64 15.59 2.59
C ALA C 138 19.93 15.90 1.13
N TYR C 139 18.99 16.50 0.39
CA TYR C 139 19.16 16.70 -1.04
C TYR C 139 18.85 18.14 -1.44
N ARG C 140 19.42 19.10 -0.73
CA ARG C 140 19.35 20.50 -1.11
C ARG C 140 20.75 21.10 -1.07
N GLY C 141 20.97 22.11 -1.92
CA GLY C 141 22.26 22.74 -2.02
C GLY C 141 22.51 23.74 -0.91
N GLN C 142 23.73 24.30 -0.92
CA GLN C 142 24.10 25.31 0.06
C GLN C 142 23.26 26.57 -0.11
N GLY C 143 22.99 26.97 -1.35
CA GLY C 143 22.19 28.15 -1.63
C GLY C 143 23.02 29.39 -1.86
N THR C 144 22.39 30.37 -2.50
CA THR C 144 23.01 31.64 -2.79
C THR C 144 22.17 32.78 -2.24
N GLN C 145 22.82 33.89 -1.93
CA GLN C 145 22.16 35.06 -1.39
C GLN C 145 21.72 35.97 -2.54
N VAL C 146 20.42 36.25 -2.61
CA VAL C 146 19.86 37.18 -3.58
C VAL C 146 19.25 38.33 -2.80
N THR C 147 19.78 39.53 -2.99
CA THR C 147 19.35 40.72 -2.27
C THR C 147 18.83 41.76 -3.25
N VAL C 148 17.69 42.34 -2.95
CA VAL C 148 17.09 43.42 -3.74
C VAL C 148 16.94 44.62 -2.82
N SER C 149 17.69 45.67 -3.11
CA SER C 149 17.66 46.87 -2.29
C SER C 149 18.04 48.07 -3.14
N SER C 150 17.66 49.25 -2.66
CA SER C 150 17.95 50.50 -3.36
C SER C 150 18.72 51.46 -2.46
N SER D 18 39.07 33.79 1.93
CA SER D 18 38.24 34.94 2.28
C SER D 18 38.25 35.18 3.79
N GLY D 19 38.91 34.28 4.52
CA GLY D 19 39.13 34.49 5.94
C GLY D 19 37.95 34.07 6.80
N SER D 20 36.73 34.35 6.33
CA SER D 20 35.52 33.88 6.99
C SER D 20 35.52 32.36 7.19
N GLU D 21 35.54 31.92 8.45
CA GLU D 21 35.77 30.53 8.79
C GLU D 21 34.78 29.58 8.13
N LEU D 22 33.60 30.07 7.75
CA LEU D 22 32.66 29.24 6.99
C LEU D 22 33.21 28.95 5.60
N ASP D 23 33.81 29.95 4.95
CA ASP D 23 34.35 29.67 3.62
C ASP D 23 35.60 28.81 3.73
N GLN D 24 36.30 28.85 4.87
CA GLN D 24 37.48 28.00 5.00
C GLN D 24 37.06 26.56 5.29
N LEU D 25 35.92 26.36 5.94
CA LEU D 25 35.47 25.00 6.14
C LEU D 25 34.85 24.45 4.86
N ARG D 26 34.17 25.29 4.08
CA ARG D 26 33.65 24.85 2.78
C ARG D 26 34.79 24.47 1.83
N GLN D 27 35.87 25.26 1.84
CA GLN D 27 37.03 24.92 1.02
C GLN D 27 37.71 23.64 1.50
N GLU D 28 37.96 23.51 2.80
CA GLU D 28 38.59 22.26 3.24
C GLU D 28 37.68 21.06 3.03
N ALA D 29 36.36 21.29 3.04
CA ALA D 29 35.41 20.23 2.73
C ALA D 29 35.57 19.74 1.30
N GLU D 30 35.58 20.67 0.35
CA GLU D 30 35.75 20.26 -1.05
C GLU D 30 37.13 19.65 -1.29
N GLN D 31 38.16 20.21 -0.63
CA GLN D 31 39.50 19.65 -0.75
C GLN D 31 39.54 18.20 -0.27
N LEU D 32 38.88 17.91 0.85
CA LEU D 32 38.83 16.53 1.32
C LEU D 32 38.01 15.65 0.37
N LYS D 33 36.91 16.18 -0.19
CA LYS D 33 36.12 15.34 -1.07
C LYS D 33 36.87 15.02 -2.34
N ASN D 34 37.76 15.90 -2.78
CA ASN D 34 38.50 15.58 -3.99
C ASN D 34 39.73 14.72 -3.70
N GLN D 35 40.35 14.87 -2.53
CA GLN D 35 41.37 13.91 -2.13
C GLN D 35 40.78 12.52 -1.96
N ILE D 36 39.54 12.44 -1.46
CA ILE D 36 38.89 11.15 -1.29
C ILE D 36 38.50 10.56 -2.64
N ARG D 37 38.03 11.39 -3.57
CA ARG D 37 37.68 10.86 -4.89
C ARG D 37 38.92 10.41 -5.64
N ASP D 38 40.05 11.08 -5.43
CA ASP D 38 41.26 10.66 -6.11
C ASP D 38 41.81 9.38 -5.48
N ALA D 39 41.83 9.31 -4.15
CA ALA D 39 42.29 8.09 -3.51
C ALA D 39 41.35 6.91 -3.75
N ARG D 40 40.11 7.18 -4.15
CA ARG D 40 39.17 6.11 -4.46
C ARG D 40 39.31 5.62 -5.89
N LYS D 41 39.48 6.54 -6.84
CA LYS D 41 39.71 6.11 -8.22
C LYS D 41 41.11 5.58 -8.42
N ALA D 42 42.04 5.89 -7.51
CA ALA D 42 43.40 5.39 -7.61
C ALA D 42 43.47 3.87 -7.45
N CYS D 43 42.69 3.32 -6.53
CA CYS D 43 42.66 1.88 -6.31
C CYS D 43 41.65 1.14 -7.18
N ALA D 44 40.95 1.83 -8.07
CA ALA D 44 39.99 1.17 -8.96
C ALA D 44 40.70 0.73 -10.24
N ASP D 45 41.68 -0.16 -10.07
CA ASP D 45 42.42 -0.67 -11.22
C ASP D 45 41.59 -1.62 -12.06
N ALA D 46 40.58 -2.26 -11.47
CA ALA D 46 39.73 -3.19 -12.18
C ALA D 46 38.31 -3.08 -11.64
N THR D 47 37.41 -3.87 -12.24
CA THR D 47 36.02 -3.95 -11.80
C THR D 47 35.71 -5.39 -11.39
N LEU D 48 34.68 -5.54 -10.56
CA LEU D 48 34.29 -6.87 -10.11
C LEU D 48 33.83 -7.74 -11.28
N SER D 49 33.21 -7.14 -12.30
CA SER D 49 32.74 -7.92 -13.43
C SER D 49 33.91 -8.51 -14.22
N GLN D 50 34.98 -7.73 -14.40
CA GLN D 50 36.15 -8.26 -15.08
C GLN D 50 36.74 -9.41 -14.28
N ILE D 51 36.71 -9.30 -12.95
CA ILE D 51 37.26 -10.34 -12.09
C ILE D 51 36.42 -11.60 -12.19
N THR D 52 35.09 -11.45 -12.23
CA THR D 52 34.20 -12.60 -12.21
C THR D 52 33.71 -13.01 -13.59
N ASN D 53 34.40 -12.57 -14.65
CA ASN D 53 33.95 -12.99 -15.98
C ASN D 53 34.32 -14.44 -16.28
N ASN D 54 35.37 -14.97 -15.63
CA ASN D 54 35.77 -16.35 -15.84
C ASN D 54 35.11 -17.34 -14.90
N ILE D 55 34.25 -16.89 -13.98
CA ILE D 55 33.60 -17.83 -13.08
C ILE D 55 32.45 -18.52 -13.81
N ASP D 56 32.06 -19.68 -13.29
CA ASP D 56 30.89 -20.27 -13.94
C ASP D 56 29.60 -19.74 -13.32
N PRO D 57 28.55 -19.48 -14.11
CA PRO D 57 27.31 -19.01 -13.50
C PRO D 57 26.67 -20.06 -12.61
N VAL D 58 25.96 -19.59 -11.59
CA VAL D 58 25.32 -20.49 -10.64
C VAL D 58 24.22 -21.31 -11.29
N GLY D 59 23.78 -20.91 -12.48
CA GLY D 59 22.68 -21.55 -13.17
C GLY D 59 21.36 -21.01 -12.67
N ARG D 60 20.28 -21.45 -13.31
CA ARG D 60 18.95 -21.05 -12.87
C ARG D 60 18.59 -21.68 -11.53
N ILE D 61 18.20 -20.86 -10.56
CA ILE D 61 17.76 -21.32 -9.25
C ILE D 61 16.29 -20.96 -9.10
N GLN D 62 15.42 -21.96 -9.13
CA GLN D 62 13.99 -21.75 -9.01
C GLN D 62 13.53 -22.46 -7.74
N MET D 63 13.60 -21.72 -6.64
CA MET D 63 13.07 -22.17 -5.36
C MET D 63 11.57 -21.89 -5.30
N ARG D 64 10.88 -22.67 -4.48
CA ARG D 64 9.43 -22.61 -4.40
C ARG D 64 8.98 -22.50 -2.95
N THR D 65 7.80 -21.95 -2.77
CA THR D 65 7.24 -21.74 -1.43
C THR D 65 6.90 -23.09 -0.82
N ARG D 66 7.57 -23.42 0.29
CA ARG D 66 7.34 -24.70 0.95
C ARG D 66 6.39 -24.57 2.13
N ARG D 67 6.33 -23.40 2.76
CA ARG D 67 5.44 -23.16 3.88
C ARG D 67 4.88 -21.76 3.72
N THR D 68 3.73 -21.53 4.35
CA THR D 68 3.17 -20.18 4.41
C THR D 68 2.60 -19.95 5.79
N LEU D 69 3.03 -18.86 6.41
CA LEU D 69 2.71 -18.53 7.79
C LEU D 69 1.74 -17.36 7.78
N ARG D 70 0.48 -17.61 8.13
CA ARG D 70 -0.57 -16.62 8.03
C ARG D 70 -1.08 -16.30 9.43
N GLY D 71 -1.82 -15.20 9.52
CA GLY D 71 -2.49 -14.88 10.76
C GLY D 71 -2.55 -13.38 10.98
N HIS D 72 -1.62 -12.65 10.39
CA HIS D 72 -1.46 -11.23 10.68
C HIS D 72 -2.54 -10.42 9.98
N LEU D 73 -3.04 -9.40 10.68
CA LEU D 73 -4.15 -8.60 10.18
C LEU D 73 -3.69 -7.35 9.45
N ALA D 74 -2.40 -7.08 9.40
CA ALA D 74 -1.93 -5.87 8.74
C ALA D 74 -0.56 -6.16 8.13
N LYS D 75 0.06 -5.10 7.62
CA LYS D 75 1.32 -5.25 6.90
C LYS D 75 2.50 -5.52 7.83
N ILE D 76 3.29 -6.54 7.48
CA ILE D 76 4.46 -6.97 8.24
C ILE D 76 5.65 -6.11 7.86
N TYR D 77 6.53 -5.80 8.81
CA TYR D 77 7.70 -4.95 8.54
C TYR D 77 9.04 -5.53 8.94
N ALA D 78 9.10 -6.56 9.77
CA ALA D 78 10.42 -7.02 10.15
C ALA D 78 10.34 -8.47 10.57
N MET D 79 11.44 -9.17 10.35
CA MET D 79 11.58 -10.54 10.78
C MET D 79 13.06 -10.81 11.01
N HIS D 80 13.33 -11.83 11.82
CA HIS D 80 14.70 -12.22 12.09
C HIS D 80 14.70 -13.70 12.48
N TRP D 81 15.47 -14.50 11.76
CA TRP D 81 15.58 -15.89 12.14
C TRP D 81 16.32 -16.00 13.47
N GLY D 82 16.08 -17.10 14.17
CA GLY D 82 16.85 -17.41 15.36
C GLY D 82 18.11 -18.21 15.11
N THR D 83 18.88 -18.37 16.18
CA THR D 83 20.12 -19.14 16.12
C THR D 83 19.83 -20.62 15.93
N ASP D 84 18.69 -21.10 16.46
CA ASP D 84 18.30 -22.49 16.32
C ASP D 84 17.89 -22.84 14.90
N SER D 85 17.82 -21.83 14.02
CA SER D 85 17.40 -21.97 12.63
C SER D 85 15.98 -22.52 12.49
N ARG D 86 15.18 -22.48 13.55
CA ARG D 86 13.81 -22.97 13.46
C ARG D 86 12.75 -21.91 13.70
N LEU D 87 12.85 -21.15 14.80
CA LEU D 87 11.90 -20.10 15.13
C LEU D 87 12.27 -18.75 14.51
N LEU D 88 11.25 -17.91 14.35
CA LEU D 88 11.44 -16.55 13.85
C LEU D 88 10.29 -15.67 14.34
N VAL D 89 10.57 -14.38 14.49
CA VAL D 89 9.59 -13.40 14.96
C VAL D 89 9.25 -12.40 13.85
N SER D 90 7.98 -12.01 13.78
CA SER D 90 7.51 -11.05 12.79
C SER D 90 6.63 -10.01 13.47
N ALA D 91 6.77 -8.75 13.05
CA ALA D 91 6.04 -7.63 13.63
C ALA D 91 5.12 -7.01 12.59
N SER D 92 3.83 -6.93 12.91
CA SER D 92 2.86 -6.25 12.04
C SER D 92 2.20 -5.08 12.73
N GLN D 93 1.66 -4.14 11.94
CA GLN D 93 1.05 -2.95 12.49
C GLN D 93 -0.40 -3.16 12.88
N ASP D 94 -0.80 -4.42 13.06
CA ASP D 94 -2.07 -4.74 13.70
C ASP D 94 -1.89 -4.82 15.21
N GLY D 95 -0.72 -4.41 15.70
CA GLY D 95 -0.37 -4.43 17.10
C GLY D 95 0.14 -5.75 17.61
N LYS D 96 0.68 -6.61 16.75
CA LYS D 96 1.14 -7.92 17.18
C LYS D 96 2.58 -8.18 16.77
N LEU D 97 3.18 -9.11 17.51
CA LEU D 97 4.54 -9.59 17.31
C LEU D 97 4.49 -11.10 17.51
N ILE D 98 4.43 -11.84 16.42
CA ILE D 98 4.18 -13.29 16.48
C ILE D 98 5.49 -14.03 16.31
N ILE D 99 5.72 -15.05 17.13
CA ILE D 99 6.87 -15.93 17.00
C ILE D 99 6.38 -17.27 16.48
N TRP D 100 7.03 -17.75 15.42
CA TRP D 100 6.67 -18.93 14.66
C TRP D 100 7.72 -20.01 14.80
N ASP D 101 7.27 -21.25 14.79
CA ASP D 101 8.12 -22.44 14.61
C ASP D 101 8.04 -22.82 13.14
N SER D 102 8.99 -22.34 12.35
CA SER D 102 8.93 -22.44 10.89
C SER D 102 8.91 -23.88 10.40
N TYR D 103 9.39 -24.84 11.19
CA TYR D 103 9.37 -26.23 10.76
C TYR D 103 7.96 -26.80 10.70
N THR D 104 7.14 -26.54 11.73
CA THR D 104 5.82 -27.12 11.82
C THR D 104 4.70 -26.11 11.53
N THR D 105 5.05 -24.89 11.14
CA THR D 105 4.12 -23.80 10.81
C THR D 105 3.21 -23.46 11.99
N ASN D 106 3.52 -23.94 13.18
CA ASN D 106 2.76 -23.60 14.37
C ASN D 106 3.23 -22.26 14.91
N LYS D 107 2.33 -21.54 15.58
CA LYS D 107 2.68 -20.28 16.20
C LYS D 107 3.07 -20.55 17.65
N VAL D 108 4.23 -20.05 18.05
CA VAL D 108 4.68 -20.28 19.42
C VAL D 108 4.25 -19.15 20.33
N HIS D 109 4.25 -17.90 19.85
CA HIS D 109 3.81 -16.81 20.70
C HIS D 109 3.12 -15.74 19.86
N ALA D 110 2.24 -14.98 20.52
CA ALA D 110 1.56 -13.84 19.90
C ALA D 110 1.54 -12.70 20.91
N ILE D 111 2.51 -11.79 20.83
CA ILE D 111 2.69 -10.75 21.82
C ILE D 111 1.95 -9.50 21.33
N PRO D 112 0.90 -9.05 22.04
CA PRO D 112 0.30 -7.76 21.70
C PRO D 112 1.17 -6.59 22.14
N LEU D 113 1.17 -5.55 21.32
CA LEU D 113 2.01 -4.38 21.55
C LEU D 113 1.17 -3.18 21.96
N ARG D 114 1.70 -2.36 22.87
CA ARG D 114 0.98 -1.19 23.33
CA ARG D 114 0.98 -1.19 23.33
C ARG D 114 0.76 -0.19 22.20
N SER D 115 1.78 0.05 21.39
CA SER D 115 1.70 0.94 20.24
C SER D 115 1.56 0.09 18.98
N SER D 116 0.58 0.42 18.14
CA SER D 116 0.35 -0.43 16.99
C SER D 116 1.27 -0.13 15.83
N TRP D 117 2.02 0.97 15.89
CA TRP D 117 2.88 1.39 14.79
C TRP D 117 4.26 0.80 15.04
N VAL D 118 4.54 -0.37 14.47
CA VAL D 118 5.83 -1.03 14.65
C VAL D 118 6.53 -1.08 13.30
N MET D 119 7.86 -0.96 13.32
CA MET D 119 8.66 -0.93 12.11
C MET D 119 9.83 -1.92 12.12
N THR D 120 10.24 -2.44 13.27
CA THR D 120 11.35 -3.38 13.31
C THR D 120 11.16 -4.38 14.45
N CYS D 121 11.86 -5.51 14.34
CA CYS D 121 11.85 -6.54 15.36
C CYS D 121 13.10 -7.39 15.20
N ALA D 122 13.69 -7.80 16.32
CA ALA D 122 14.89 -8.62 16.33
C ALA D 122 14.70 -9.85 17.20
N TYR D 123 15.60 -10.82 17.03
CA TYR D 123 15.58 -12.07 17.78
C TYR D 123 16.96 -12.30 18.37
N ALA D 124 17.06 -12.28 19.69
CA ALA D 124 18.36 -12.37 20.37
C ALA D 124 19.06 -13.67 19.98
N PRO D 125 20.39 -13.65 19.83
CA PRO D 125 21.09 -14.88 19.42
C PRO D 125 21.00 -16.01 20.42
N SER D 126 20.67 -15.72 21.67
CA SER D 126 20.45 -16.76 22.68
C SER D 126 19.02 -17.29 22.65
N GLY D 127 18.15 -16.71 21.82
CA GLY D 127 16.76 -17.12 21.79
C GLY D 127 15.99 -16.76 23.03
N ASN D 128 16.59 -16.00 23.95
CA ASN D 128 15.95 -15.64 25.20
C ASN D 128 15.08 -14.40 25.08
N TYR D 129 15.37 -13.50 24.14
CA TYR D 129 14.69 -12.21 24.08
C TYR D 129 14.34 -11.87 22.64
N VAL D 130 13.25 -11.13 22.48
CA VAL D 130 12.88 -10.49 21.23
C VAL D 130 12.78 -8.98 21.50
N ALA D 131 13.01 -8.18 20.46
CA ALA D 131 12.89 -6.74 20.59
C ALA D 131 12.02 -6.21 19.46
N CYS D 132 11.50 -4.99 19.66
CA CYS D 132 10.69 -4.36 18.63
C CYS D 132 10.46 -2.90 18.98
N GLY D 133 10.18 -2.11 17.95
CA GLY D 133 9.91 -0.70 18.17
C GLY D 133 9.34 -0.05 16.92
N GLY D 134 8.95 1.21 17.07
CA GLY D 134 8.33 1.92 15.97
C GLY D 134 8.12 3.40 16.23
N LEU D 135 6.95 3.91 15.87
CA LEU D 135 6.66 5.34 16.00
C LEU D 135 6.53 5.79 17.46
N ASP D 136 6.49 4.88 18.42
CA ASP D 136 6.47 5.28 19.82
C ASP D 136 7.82 5.77 20.33
N ASN D 137 8.87 5.69 19.49
CA ASN D 137 10.23 6.12 19.84
C ASN D 137 10.80 5.29 20.99
N ILE D 138 10.36 4.05 21.12
CA ILE D 138 10.69 3.19 22.26
C ILE D 138 11.12 1.84 21.72
N CYS D 139 12.20 1.28 22.28
CA CYS D 139 12.58 -0.09 21.99
C CYS D 139 12.14 -1.02 23.11
N SER D 140 11.27 -1.97 22.82
CA SER D 140 10.68 -2.84 23.83
C SER D 140 11.34 -4.20 23.73
N ILE D 141 11.81 -4.71 24.87
CA ILE D 141 12.39 -6.04 24.98
C ILE D 141 11.42 -6.98 25.67
N TYR D 142 11.27 -8.18 25.13
CA TYR D 142 10.39 -9.21 25.67
C TYR D 142 11.20 -10.45 25.99
N ASN D 143 11.02 -10.96 27.20
CA ASN D 143 11.73 -12.13 27.72
C ASN D 143 10.95 -13.39 27.38
N LEU D 144 11.51 -14.22 26.50
CA LEU D 144 10.84 -15.48 26.17
C LEU D 144 10.92 -16.49 27.31
N LYS D 145 11.95 -16.41 28.14
CA LYS D 145 12.10 -17.29 29.31
C LYS D 145 11.49 -16.52 30.48
N THR D 146 10.19 -16.72 30.72
CA THR D 146 9.54 -16.11 31.87
C THR D 146 9.16 -17.15 32.92
N ARG D 147 9.00 -16.66 34.15
CA ARG D 147 8.82 -17.54 35.31
C ARG D 147 7.37 -17.56 35.77
N GLU D 148 6.55 -16.61 35.33
CA GLU D 148 5.14 -16.62 35.69
C GLU D 148 4.28 -17.33 34.66
N GLY D 149 4.85 -17.81 33.56
CA GLY D 149 4.01 -18.28 32.48
C GLY D 149 4.12 -17.61 31.13
N ASN D 150 3.83 -16.32 31.03
CA ASN D 150 3.64 -15.67 29.74
C ASN D 150 4.71 -14.61 29.51
N VAL D 151 5.15 -14.50 28.26
CA VAL D 151 6.06 -13.46 27.82
C VAL D 151 5.43 -12.09 28.01
N ARG D 152 6.17 -11.18 28.63
CA ARG D 152 5.71 -9.84 28.94
C ARG D 152 6.87 -8.89 28.77
N VAL D 153 6.64 -7.62 29.09
CA VAL D 153 7.70 -6.63 28.90
C VAL D 153 8.74 -6.79 30.01
N SER D 154 10.01 -6.67 29.64
CA SER D 154 11.09 -6.73 30.61
C SER D 154 11.82 -5.39 30.69
N ARG D 155 12.31 -4.90 29.56
CA ARG D 155 12.92 -3.59 29.44
C ARG D 155 12.26 -2.79 28.33
N GLU D 156 12.61 -1.50 28.29
CA GLU D 156 12.03 -0.55 27.35
C GLU D 156 12.95 0.65 27.33
N LEU D 157 13.55 0.86 26.17
CA LEU D 157 14.64 1.80 25.95
C LEU D 157 14.08 3.09 25.38
N ALA D 158 14.27 4.19 26.11
CA ALA D 158 13.72 5.49 25.77
C ALA D 158 14.89 6.44 25.52
N GLY D 159 14.63 7.49 24.74
CA GLY D 159 15.62 8.52 24.58
C GLY D 159 15.60 9.13 23.19
N HIS D 160 15.03 8.41 22.23
CA HIS D 160 15.09 8.83 20.84
C HIS D 160 14.01 9.87 20.58
N THR D 161 14.34 10.87 19.76
CA THR D 161 13.37 11.86 19.31
C THR D 161 12.78 11.50 17.95
N GLY D 162 13.04 10.29 17.44
CA GLY D 162 12.52 9.89 16.15
C GLY D 162 12.05 8.45 16.21
N TYR D 163 11.45 7.95 15.19
CA TYR D 163 11.03 6.64 15.39
C TYR D 163 12.16 5.65 15.45
N LEU D 164 11.90 4.38 15.57
CA LEU D 164 12.88 3.31 15.67
C LEU D 164 12.73 2.49 14.38
N SER D 165 13.83 2.38 13.63
CA SER D 165 13.77 1.71 12.33
C SER D 165 14.40 0.33 12.32
N CYS D 166 15.37 0.06 13.18
CA CYS D 166 16.02 -1.24 13.20
C CYS D 166 16.73 -1.41 14.53
N CYS D 167 16.89 -2.68 14.92
CA CYS D 167 17.58 -3.01 16.15
C CYS D 167 18.01 -4.47 16.07
N ARG D 168 19.17 -4.76 16.64
CA ARG D 168 19.73 -6.11 16.61
C ARG D 168 20.53 -6.31 17.89
N PHE D 169 20.37 -7.48 18.50
CA PHE D 169 21.12 -7.78 19.71
C PHE D 169 22.57 -8.09 19.37
N LEU D 170 23.46 -7.70 20.29
CA LEU D 170 24.81 -8.25 20.31
C LEU D 170 24.87 -9.43 21.26
N ASP D 171 24.44 -9.23 22.50
CA ASP D 171 24.26 -10.28 23.47
C ASP D 171 22.99 -9.94 24.26
N ASP D 172 22.81 -10.62 25.40
CA ASP D 172 21.57 -10.45 26.16
C ASP D 172 21.49 -9.12 26.90
N ASN D 173 22.61 -8.37 27.00
CA ASN D 173 22.63 -7.14 27.77
CA ASN D 173 22.63 -7.14 27.77
C ASN D 173 22.92 -5.90 26.93
N GLN D 174 23.58 -6.02 25.79
CA GLN D 174 23.88 -4.88 24.94
C GLN D 174 23.14 -5.04 23.62
N ILE D 175 22.49 -3.96 23.18
CA ILE D 175 21.74 -3.96 21.92
C ILE D 175 21.87 -2.61 21.23
N VAL D 176 22.03 -2.62 19.92
CA VAL D 176 22.17 -1.39 19.15
C VAL D 176 20.89 -1.13 18.37
N THR D 177 20.52 0.14 18.30
CA THR D 177 19.28 0.61 17.71
C THR D 177 19.61 1.65 16.64
N SER D 178 18.68 1.80 15.71
CA SER D 178 18.70 2.80 14.64
C SER D 178 17.44 3.63 14.70
N SER D 179 17.55 4.95 14.50
CA SER D 179 16.38 5.78 14.70
C SER D 179 16.28 6.84 13.61
N GLY D 180 15.09 7.43 13.53
CA GLY D 180 14.80 8.51 12.60
C GLY D 180 15.27 9.86 13.06
N ASP D 181 15.83 9.95 14.26
CA ASP D 181 16.47 11.16 14.74
C ASP D 181 17.89 11.29 14.21
N THR D 182 18.20 10.52 13.16
CA THR D 182 19.48 10.52 12.45
C THR D 182 20.60 9.98 13.32
N THR D 183 20.27 9.19 14.35
CA THR D 183 21.28 8.62 15.24
C THR D 183 21.04 7.14 15.47
N CYS D 184 22.14 6.46 15.80
CA CYS D 184 22.10 5.08 16.27
C CYS D 184 22.65 5.05 17.70
N ALA D 185 22.31 4.00 18.44
CA ALA D 185 22.72 3.98 19.84
C ALA D 185 22.99 2.56 20.29
N LEU D 186 24.04 2.37 21.09
CA LEU D 186 24.28 1.10 21.76
C LEU D 186 23.82 1.23 23.21
N TRP D 187 23.00 0.28 23.63
CA TRP D 187 22.28 0.27 24.88
C TRP D 187 22.80 -0.84 25.78
N ASP D 188 22.74 -0.57 27.08
CA ASP D 188 22.90 -1.55 28.15
C ASP D 188 21.50 -1.89 28.69
N ILE D 189 21.01 -3.06 28.29
CA ILE D 189 19.60 -3.41 28.47
C ILE D 189 19.19 -3.33 29.94
N GLU D 190 20.08 -3.75 30.86
CA GLU D 190 19.72 -3.73 32.28
C GLU D 190 19.59 -2.30 32.79
N THR D 191 20.67 -1.52 32.71
CA THR D 191 20.62 -0.15 33.22
C THR D 191 19.71 0.74 32.38
N GLY D 192 19.43 0.38 31.14
CA GLY D 192 18.63 1.24 30.27
C GLY D 192 19.32 2.49 29.81
N GLN D 193 20.63 2.58 29.98
CA GLN D 193 21.42 3.74 29.59
C GLN D 193 22.02 3.55 28.20
N GLN D 194 22.07 4.65 27.44
CA GLN D 194 22.72 4.60 26.14
C GLN D 194 24.22 4.60 26.41
N THR D 195 24.82 3.41 26.39
CA THR D 195 26.25 3.30 26.66
C THR D 195 27.08 3.90 25.53
N THR D 196 26.50 4.07 24.34
CA THR D 196 27.27 4.62 23.23
C THR D 196 26.32 5.28 22.24
N THR D 197 26.71 6.44 21.73
CA THR D 197 25.88 7.18 20.78
C THR D 197 26.62 7.34 19.47
N PHE D 198 25.91 7.18 18.36
CA PHE D 198 26.45 7.30 17.01
C PHE D 198 25.66 8.42 16.34
N THR D 199 26.33 9.54 16.09
CA THR D 199 25.78 10.70 15.42
C THR D 199 26.62 11.07 14.21
N GLY D 200 25.98 11.71 13.23
CA GLY D 200 26.67 12.14 12.03
C GLY D 200 25.84 12.06 10.77
N HIS D 201 24.78 11.26 10.78
CA HIS D 201 23.92 11.18 9.61
C HIS D 201 23.03 12.41 9.54
N THR D 202 22.74 12.87 8.32
CA THR D 202 21.89 14.04 8.15
C THR D 202 20.41 13.65 8.06
N GLY D 203 20.10 12.56 7.36
CA GLY D 203 18.75 12.07 7.25
C GLY D 203 18.49 10.87 8.15
N ASP D 204 17.27 10.36 8.10
CA ASP D 204 16.86 9.25 8.94
C ASP D 204 17.62 7.96 8.61
N VAL D 205 18.23 7.37 9.63
CA VAL D 205 18.90 6.07 9.51
C VAL D 205 17.81 5.01 9.48
N MET D 206 17.80 4.17 8.44
CA MET D 206 16.71 3.21 8.27
C MET D 206 17.08 1.78 8.64
N SER D 207 18.34 1.37 8.51
CA SER D 207 18.66 -0.03 8.77
C SER D 207 20.09 -0.15 9.28
N LEU D 208 20.32 -1.16 10.11
CA LEU D 208 21.64 -1.50 10.62
C LEU D 208 21.86 -3.00 10.50
N SER D 209 23.12 -3.40 10.42
CA SER D 209 23.50 -4.81 10.29
C SER D 209 24.78 -5.06 11.07
N LEU D 210 24.73 -5.99 12.01
CA LEU D 210 25.91 -6.31 12.81
C LEU D 210 26.80 -7.29 12.07
N ALA D 211 28.11 -7.08 12.16
CA ALA D 211 29.03 -8.03 11.57
C ALA D 211 28.92 -9.39 12.25
N PRO D 212 29.28 -10.47 11.55
CA PRO D 212 29.19 -11.81 12.15
C PRO D 212 30.02 -12.00 13.40
N ASP D 213 30.98 -11.12 13.68
CA ASP D 213 31.85 -11.26 14.83
C ASP D 213 31.64 -10.20 15.90
N THR D 214 30.54 -9.44 15.83
CA THR D 214 30.11 -8.47 16.83
C THR D 214 31.01 -7.24 16.97
N ARG D 215 32.17 -7.20 16.31
CA ARG D 215 33.12 -6.12 16.61
C ARG D 215 32.71 -4.80 15.95
N LEU D 216 32.14 -4.84 14.74
CA LEU D 216 31.75 -3.62 14.05
C LEU D 216 30.33 -3.79 13.51
N PHE D 217 29.74 -2.69 13.05
CA PHE D 217 28.43 -2.80 12.40
C PHE D 217 28.23 -1.61 11.46
N VAL D 218 27.44 -1.82 10.43
CA VAL D 218 27.14 -0.78 9.45
C VAL D 218 25.69 -0.33 9.55
N SER D 219 25.44 0.86 9.00
CA SER D 219 24.12 1.47 9.04
C SER D 219 23.89 2.21 7.72
N GLY D 220 22.66 2.09 7.21
CA GLY D 220 22.23 2.76 6.00
C GLY D 220 21.18 3.82 6.31
N ALA D 221 21.42 5.05 5.85
CA ALA D 221 20.53 6.14 6.20
C ALA D 221 19.89 6.75 4.95
N CYS D 222 18.97 7.68 5.19
CA CYS D 222 18.24 8.35 4.11
C CYS D 222 19.06 9.43 3.44
N ASP D 223 20.29 9.65 3.88
CA ASP D 223 21.22 10.54 3.20
C ASP D 223 22.00 9.81 2.12
N ALA D 224 21.48 8.68 1.65
CA ALA D 224 22.08 7.90 0.57
C ALA D 224 23.50 7.46 0.93
N SER D 225 23.75 7.26 2.23
CA SER D 225 25.07 6.90 2.70
C SER D 225 25.00 5.76 3.70
N ALA D 226 26.04 4.94 3.70
CA ALA D 226 26.25 3.92 4.71
C ALA D 226 27.47 4.26 5.54
N LYS D 227 27.43 3.91 6.83
CA LYS D 227 28.51 4.22 7.74
C LYS D 227 28.88 2.99 8.55
N LEU D 228 30.17 2.75 8.70
CA LEU D 228 30.69 1.69 9.56
C LEU D 228 31.03 2.25 10.94
N TRP D 229 30.48 1.63 11.98
CA TRP D 229 30.60 2.09 13.35
C TRP D 229 31.31 1.04 14.19
N ASP D 230 32.23 1.53 15.03
CA ASP D 230 32.89 0.73 16.07
C ASP D 230 32.00 0.69 17.30
N VAL D 231 31.50 -0.50 17.64
CA VAL D 231 30.48 -0.61 18.69
C VAL D 231 31.04 -0.10 20.02
N ARG D 232 32.22 -0.57 20.41
CA ARG D 232 32.75 -0.26 21.73
C ARG D 232 33.34 1.15 21.81
N GLU D 233 33.71 1.75 20.69
CA GLU D 233 34.37 3.05 20.71
C GLU D 233 33.48 4.19 20.23
N GLY D 234 32.41 3.90 19.49
CA GLY D 234 31.44 4.93 19.18
C GLY D 234 31.82 5.85 18.06
N MET D 235 32.78 5.47 17.23
CA MET D 235 33.26 6.29 16.14
C MET D 235 32.89 5.67 14.80
N CYS D 236 32.67 6.54 13.81
CA CYS D 236 32.41 6.13 12.44
C CYS D 236 33.73 5.92 11.72
N ARG D 237 33.98 4.71 11.24
CA ARG D 237 35.26 4.40 10.60
C ARG D 237 35.25 4.76 9.11
N GLN D 238 34.22 4.35 8.39
CA GLN D 238 34.18 4.57 6.95
C GLN D 238 32.78 5.02 6.56
N THR D 239 32.69 5.97 5.62
CA THR D 239 31.41 6.41 5.08
C THR D 239 31.39 6.21 3.56
N PHE D 240 30.40 5.47 3.07
CA PHE D 240 30.27 5.19 1.66
C PHE D 240 29.06 5.95 1.12
N THR D 241 29.20 6.50 -0.09
CA THR D 241 28.12 7.25 -0.75
C THR D 241 27.99 6.78 -2.20
N GLY D 242 27.21 5.73 -2.44
CA GLY D 242 27.05 5.26 -3.80
C GLY D 242 25.63 5.28 -4.30
N HIS D 243 24.69 5.02 -3.38
CA HIS D 243 23.27 5.10 -3.68
C HIS D 243 22.81 6.53 -3.89
N GLU D 244 21.80 6.69 -4.75
CA GLU D 244 21.25 8.00 -5.08
C GLU D 244 20.13 8.44 -4.15
N SER D 245 19.57 7.53 -3.34
CA SER D 245 18.47 7.89 -2.45
CA SER D 245 18.47 7.88 -2.45
C SER D 245 18.55 7.14 -1.13
N ASP D 246 17.46 7.17 -0.36
CA ASP D 246 17.42 6.59 0.98
C ASP D 246 17.84 5.12 0.97
N ILE D 247 18.72 4.76 1.88
CA ILE D 247 19.11 3.37 2.08
C ILE D 247 18.04 2.69 2.91
N ASN D 248 17.45 1.61 2.39
CA ASN D 248 16.35 0.95 3.09
C ASN D 248 16.77 -0.35 3.75
N ALA D 249 17.85 -0.97 3.29
CA ALA D 249 18.27 -2.25 3.82
C ALA D 249 19.79 -2.35 3.79
N ILE D 250 20.32 -3.24 4.63
CA ILE D 250 21.76 -3.41 4.76
C ILE D 250 22.01 -4.78 5.38
N CYS D 251 23.11 -5.41 4.99
CA CYS D 251 23.41 -6.75 5.48
C CYS D 251 24.87 -7.09 5.18
N PHE D 252 25.56 -7.62 6.19
CA PHE D 252 26.94 -8.05 6.07
C PHE D 252 27.12 -9.33 5.25
N PHE D 253 28.21 -9.37 4.49
CA PHE D 253 28.68 -10.60 3.89
C PHE D 253 29.10 -11.56 5.00
N PRO D 254 28.86 -12.86 4.84
CA PRO D 254 29.20 -13.82 5.91
C PRO D 254 30.66 -13.74 6.34
N ASN D 255 31.53 -13.24 5.47
CA ASN D 255 32.94 -13.13 5.84
C ASN D 255 33.13 -12.04 6.88
N GLY D 256 32.39 -10.94 6.77
CA GLY D 256 32.47 -9.83 7.70
C GLY D 256 33.15 -8.59 7.17
N ASN D 257 33.79 -8.64 6.01
CA ASN D 257 34.44 -7.47 5.44
C ASN D 257 33.71 -6.91 4.21
N ALA D 258 32.40 -7.15 4.08
CA ALA D 258 31.65 -6.60 2.96
C ALA D 258 30.16 -6.59 3.31
N PHE D 259 29.41 -5.77 2.57
CA PHE D 259 27.98 -5.69 2.80
C PHE D 259 27.28 -5.14 1.58
N ALA D 260 25.98 -5.43 1.47
CA ALA D 260 25.18 -5.00 0.34
C ALA D 260 24.03 -4.11 0.82
N THR D 261 23.67 -3.13 0.00
CA THR D 261 22.60 -2.19 0.33
C THR D 261 21.61 -2.06 -0.82
N GLY D 262 20.37 -1.79 -0.44
CA GLY D 262 19.31 -1.50 -1.41
C GLY D 262 18.64 -0.19 -1.07
N SER D 263 18.26 0.56 -2.10
CA SER D 263 17.74 1.91 -1.91
C SER D 263 16.52 2.14 -2.79
N ASP D 264 15.93 3.32 -2.65
CA ASP D 264 14.72 3.64 -3.41
C ASP D 264 15.00 3.86 -4.89
N ASP D 265 16.27 4.04 -5.27
CA ASP D 265 16.63 4.25 -6.66
C ASP D 265 16.65 2.96 -7.48
N ALA D 266 16.06 1.88 -6.96
CA ALA D 266 15.93 0.61 -7.67
C ALA D 266 17.27 -0.01 -8.03
N THR D 267 18.21 0.01 -7.09
CA THR D 267 19.54 -0.52 -7.34
C THR D 267 20.08 -1.17 -6.07
N CYS D 268 20.85 -2.23 -6.24
CA CYS D 268 21.59 -2.86 -5.15
C CYS D 268 23.08 -2.63 -5.36
N ARG D 269 23.80 -2.38 -4.27
CA ARG D 269 25.23 -2.11 -4.38
C ARG D 269 26.01 -2.89 -3.33
N LEU D 270 27.17 -3.42 -3.71
CA LEU D 270 28.03 -4.18 -2.81
C LEU D 270 29.26 -3.36 -2.48
N PHE D 271 29.47 -3.07 -1.20
CA PHE D 271 30.64 -2.35 -0.72
C PHE D 271 31.55 -3.30 0.06
N ASP D 272 32.85 -3.02 -0.02
CA ASP D 272 33.87 -3.70 0.75
C ASP D 272 34.43 -2.76 1.81
N LEU D 273 34.78 -3.32 2.96
CA LEU D 273 35.29 -2.51 4.06
C LEU D 273 36.76 -2.14 3.85
N ARG D 274 37.59 -3.10 3.44
CA ARG D 274 39.01 -2.86 3.32
C ARG D 274 39.37 -2.03 2.09
N ALA D 275 38.59 -2.11 1.02
CA ALA D 275 38.83 -1.28 -0.15
C ALA D 275 38.16 0.08 -0.08
N ASP D 276 37.13 0.22 0.76
CA ASP D 276 36.51 1.51 1.04
C ASP D 276 35.88 2.15 -0.21
N GLN D 277 35.10 1.35 -0.93
CA GLN D 277 34.33 1.86 -2.06
C GLN D 277 33.41 0.74 -2.55
N GLU D 278 32.50 1.12 -3.44
CA GLU D 278 31.58 0.16 -4.03
C GLU D 278 32.32 -0.75 -5.00
N LEU D 279 31.93 -2.02 -5.03
CA LEU D 279 32.57 -2.96 -5.95
C LEU D 279 31.68 -3.34 -7.12
N MET D 280 30.38 -3.46 -6.93
CA MET D 280 29.55 -3.92 -8.03
C MET D 280 28.11 -3.51 -7.78
N THR D 281 27.37 -3.28 -8.86
CA THR D 281 25.99 -2.81 -8.79
C THR D 281 25.04 -3.73 -9.55
N TYR D 282 23.93 -4.08 -8.90
CA TYR D 282 22.97 -5.07 -9.37
C TYR D 282 21.68 -4.32 -9.67
N SER D 283 21.33 -4.23 -10.95
CA SER D 283 20.17 -3.45 -11.38
C SER D 283 19.73 -3.91 -12.77
N HIS D 284 18.48 -3.57 -13.10
CA HIS D 284 17.92 -3.76 -14.43
C HIS D 284 17.03 -2.58 -14.77
N ASP D 285 17.02 -2.18 -16.04
CA ASP D 285 16.27 -0.99 -16.45
C ASP D 285 14.77 -1.23 -16.51
N ASN D 286 14.29 -2.44 -16.22
CA ASN D 286 12.88 -2.71 -16.03
C ASN D 286 12.48 -2.64 -14.57
N ILE D 287 13.43 -2.31 -13.69
CA ILE D 287 13.22 -2.16 -12.26
C ILE D 287 13.28 -0.67 -11.93
N ILE D 288 12.14 -0.12 -11.48
CA ILE D 288 12.02 1.31 -11.21
C ILE D 288 11.67 1.51 -9.74
N CYS D 289 10.98 0.54 -9.15
CA CYS D 289 10.54 0.63 -7.77
C CYS D 289 11.69 0.37 -6.79
N GLY D 290 11.51 0.86 -5.56
CA GLY D 290 12.54 0.82 -4.54
C GLY D 290 12.86 -0.59 -4.07
N ILE D 291 13.73 -0.67 -3.06
CA ILE D 291 14.19 -1.94 -2.51
C ILE D 291 13.94 -1.92 -1.02
N THR D 292 13.39 -3.00 -0.47
CA THR D 292 12.98 -2.97 0.92
C THR D 292 13.86 -3.82 1.84
N SER D 293 14.44 -4.90 1.36
CA SER D 293 15.23 -5.78 2.22
C SER D 293 16.28 -6.50 1.40
N VAL D 294 17.43 -6.78 2.03
CA VAL D 294 18.52 -7.51 1.41
C VAL D 294 19.10 -8.49 2.43
N SER D 295 19.63 -9.60 1.93
CA SER D 295 20.28 -10.56 2.82
C SER D 295 21.10 -11.55 1.99
N PHE D 296 22.26 -11.93 2.50
CA PHE D 296 23.12 -12.89 1.82
C PHE D 296 22.82 -14.32 2.27
N SER D 297 23.25 -15.27 1.43
CA SER D 297 23.27 -16.67 1.79
C SER D 297 24.45 -16.98 2.72
N LYS D 298 24.60 -18.25 3.07
CA LYS D 298 25.66 -18.65 4.00
C LYS D 298 27.04 -18.43 3.43
N SER D 299 27.21 -18.67 2.13
CA SER D 299 28.50 -18.47 1.49
C SER D 299 28.63 -17.09 0.86
N GLY D 300 27.56 -16.30 0.90
CA GLY D 300 27.57 -14.99 0.29
C GLY D 300 27.46 -14.98 -1.21
N ARG D 301 27.32 -16.16 -1.84
CA ARG D 301 27.21 -16.19 -3.29
C ARG D 301 25.83 -15.71 -3.76
N LEU D 302 24.79 -15.91 -2.96
CA LEU D 302 23.44 -15.50 -3.34
C LEU D 302 22.99 -14.33 -2.49
N LEU D 303 22.41 -13.32 -3.15
CA LEU D 303 21.89 -12.13 -2.49
C LEU D 303 20.39 -12.05 -2.77
N LEU D 304 19.58 -12.14 -1.72
CA LEU D 304 18.14 -12.09 -1.89
C LEU D 304 17.66 -10.68 -1.54
N ALA D 305 16.78 -10.13 -2.37
CA ALA D 305 16.27 -8.78 -2.18
C ALA D 305 14.76 -8.76 -2.37
N GLY D 306 14.06 -8.07 -1.48
CA GLY D 306 12.62 -7.91 -1.58
C GLY D 306 12.30 -6.56 -2.20
N TYR D 307 11.37 -6.56 -3.14
CA TYR D 307 11.09 -5.37 -3.93
C TYR D 307 9.66 -4.88 -3.76
N ASP D 308 9.45 -3.65 -4.23
CA ASP D 308 8.13 -3.02 -4.27
C ASP D 308 7.24 -3.60 -5.38
N ASP D 309 7.83 -4.27 -6.36
CA ASP D 309 7.12 -4.80 -7.52
C ASP D 309 6.48 -6.14 -7.25
N PHE D 310 6.25 -6.47 -5.98
CA PHE D 310 5.53 -7.62 -5.44
C PHE D 310 6.40 -8.87 -5.48
N ASN D 311 7.62 -8.79 -6.00
CA ASN D 311 8.51 -9.92 -6.21
C ASN D 311 9.71 -9.86 -5.27
N CYS D 312 10.44 -10.97 -5.20
CA CYS D 312 11.74 -11.00 -4.52
C CYS D 312 12.74 -11.54 -5.52
N ASN D 313 13.80 -10.78 -5.80
CA ASN D 313 14.80 -11.24 -6.76
C ASN D 313 16.03 -11.84 -6.09
N VAL D 314 16.48 -12.98 -6.61
CA VAL D 314 17.67 -13.66 -6.11
C VAL D 314 18.83 -13.40 -7.07
N TRP D 315 19.85 -12.68 -6.62
CA TRP D 315 21.00 -12.32 -7.45
C TRP D 315 22.21 -13.20 -7.16
N ASP D 316 23.02 -13.37 -8.19
CA ASP D 316 24.32 -14.00 -8.07
C ASP D 316 25.28 -12.87 -7.68
N ALA D 317 25.73 -12.89 -6.43
CA ALA D 317 26.48 -11.77 -5.88
C ALA D 317 27.80 -11.52 -6.59
N LEU D 318 28.24 -12.42 -7.46
CA LEU D 318 29.49 -12.26 -8.18
C LEU D 318 29.29 -11.85 -9.64
N LYS D 319 28.19 -12.24 -10.27
CA LYS D 319 27.99 -12.00 -11.70
C LYS D 319 26.90 -11.00 -12.03
N ALA D 320 26.19 -10.47 -11.03
CA ALA D 320 25.08 -9.53 -11.21
C ALA D 320 23.91 -10.14 -11.96
N ASP D 321 23.96 -11.43 -12.27
CA ASP D 321 22.84 -12.08 -12.90
C ASP D 321 21.79 -12.44 -11.86
N ARG D 322 20.53 -12.27 -12.25
CA ARG D 322 19.43 -12.73 -11.42
C ARG D 322 19.19 -14.21 -11.72
N ALA D 323 19.02 -15.00 -10.67
CA ALA D 323 18.95 -16.45 -10.82
C ALA D 323 17.58 -17.00 -10.47
N GLY D 324 16.63 -16.13 -10.13
CA GLY D 324 15.28 -16.54 -9.81
C GLY D 324 14.45 -15.43 -9.20
N VAL D 325 13.13 -15.61 -9.22
CA VAL D 325 12.20 -14.65 -8.65
C VAL D 325 11.28 -15.39 -7.69
N LEU D 326 10.74 -14.65 -6.73
CA LEU D 326 9.79 -15.16 -5.76
C LEU D 326 8.55 -14.29 -5.92
N ALA D 327 7.69 -14.69 -6.87
CA ALA D 327 6.41 -14.03 -7.12
C ALA D 327 5.31 -14.75 -6.35
N GLY D 328 5.23 -14.48 -5.05
CA GLY D 328 4.23 -15.15 -4.24
C GLY D 328 3.49 -14.24 -3.29
N HIS D 329 3.94 -13.00 -3.19
CA HIS D 329 3.28 -11.98 -2.38
C HIS D 329 2.37 -11.09 -3.20
N ASP D 330 1.28 -10.66 -2.57
CA ASP D 330 0.25 -9.83 -3.18
C ASP D 330 0.41 -8.35 -2.88
N ASN D 331 1.50 -7.97 -2.20
CA ASN D 331 1.76 -6.57 -1.91
C ASN D 331 3.28 -6.42 -1.75
N ARG D 332 3.73 -5.20 -1.45
CA ARG D 332 5.16 -4.93 -1.42
C ARG D 332 5.84 -5.83 -0.39
N VAL D 333 6.88 -6.52 -0.82
CA VAL D 333 7.67 -7.34 0.09
C VAL D 333 8.46 -6.39 0.99
N SER D 334 8.10 -6.40 2.27
CA SER D 334 8.59 -5.47 3.27
C SER D 334 9.83 -5.96 4.00
N CYS D 335 10.10 -7.25 4.00
CA CYS D 335 11.23 -7.76 4.78
C CYS D 335 11.58 -9.13 4.27
N LEU D 336 12.79 -9.56 4.61
CA LEU D 336 13.24 -10.89 4.27
C LEU D 336 14.39 -11.29 5.20
N GLY D 337 14.76 -12.56 5.12
CA GLY D 337 15.83 -13.06 5.97
C GLY D 337 16.22 -14.49 5.70
N VAL D 338 17.52 -14.77 5.69
CA VAL D 338 18.03 -16.12 5.44
C VAL D 338 18.26 -16.80 6.77
N THR D 339 17.98 -18.09 6.83
CA THR D 339 18.21 -18.85 8.04
C THR D 339 19.71 -18.94 8.33
N ASP D 340 20.05 -19.21 9.60
CA ASP D 340 21.45 -19.30 9.97
C ASP D 340 22.09 -20.59 9.50
N ASP D 341 21.31 -21.61 9.21
CA ASP D 341 21.79 -22.84 8.59
C ASP D 341 21.73 -22.79 7.07
N GLY D 342 21.21 -21.70 6.49
CA GLY D 342 21.12 -21.58 5.06
C GLY D 342 20.08 -22.47 4.41
N MET D 343 19.20 -23.07 5.19
CA MET D 343 18.27 -24.06 4.65
C MET D 343 17.13 -23.40 3.90
N ALA D 344 16.78 -22.17 4.25
CA ALA D 344 15.62 -21.51 3.64
C ALA D 344 15.68 -20.02 3.90
N VAL D 345 14.90 -19.28 3.12
CA VAL D 345 14.75 -17.84 3.31
C VAL D 345 13.28 -17.53 3.52
N ALA D 346 12.99 -16.57 4.40
CA ALA D 346 11.62 -16.15 4.63
C ALA D 346 11.40 -14.73 4.11
N THR D 347 10.15 -14.46 3.71
CA THR D 347 9.78 -13.17 3.15
C THR D 347 8.48 -12.69 3.79
N GLY D 348 8.50 -11.50 4.35
CA GLY D 348 7.33 -10.81 4.87
C GLY D 348 6.90 -9.68 3.97
N SER D 349 5.60 -9.54 3.76
CA SER D 349 5.05 -8.56 2.82
C SER D 349 3.86 -7.85 3.45
N TRP D 350 3.38 -6.82 2.74
CA TRP D 350 2.20 -6.07 3.14
C TRP D 350 0.89 -6.76 2.76
N ASP D 351 0.94 -8.02 2.35
CA ASP D 351 -0.27 -8.81 2.12
C ASP D 351 -0.69 -9.56 3.36
N SER D 352 0.00 -9.34 4.48
CA SER D 352 -0.27 -10.00 5.76
C SER D 352 0.03 -11.50 5.72
N PHE D 353 1.11 -11.88 5.04
CA PHE D 353 1.53 -13.28 4.94
C PHE D 353 3.06 -13.36 4.95
N LEU D 354 3.58 -14.40 5.58
CA LEU D 354 4.99 -14.75 5.51
C LEU D 354 5.16 -16.04 4.72
N LYS D 355 6.20 -16.11 3.89
CA LYS D 355 6.40 -17.29 3.06
C LYS D 355 7.84 -17.78 3.17
N ILE D 356 8.01 -19.10 3.32
CA ILE D 356 9.30 -19.76 3.36
C ILE D 356 9.63 -20.31 1.99
N TRP D 357 10.88 -20.11 1.55
CA TRP D 357 11.35 -20.50 0.23
C TRP D 357 12.65 -21.28 0.37
N ASN D 358 12.79 -22.33 -0.44
CA ASN D 358 14.10 -22.97 -0.66
C ASN D 358 14.04 -23.93 -1.85
N SER E 8 25.27 25.96 13.09
CA SER E 8 25.93 25.55 11.86
C SER E 8 27.44 25.49 12.05
N ILE E 9 27.95 26.21 13.05
CA ILE E 9 29.39 26.28 13.25
C ILE E 9 29.90 25.03 13.95
N ALA E 10 29.09 24.44 14.83
CA ALA E 10 29.49 23.22 15.51
C ALA E 10 29.40 22.01 14.59
N GLN E 11 28.37 21.92 13.76
CA GLN E 11 28.27 20.82 12.82
C GLN E 11 29.30 20.90 11.71
N ALA E 12 29.86 22.08 11.45
CA ALA E 12 30.88 22.18 10.41
C ALA E 12 32.25 21.80 10.95
N ARG E 13 32.55 22.17 12.19
CA ARG E 13 33.81 21.76 12.81
C ARG E 13 33.87 20.26 13.01
N LYS E 14 32.74 19.64 13.36
CA LYS E 14 32.71 18.19 13.53
C LYS E 14 32.82 17.47 12.20
N LEU E 15 32.27 18.05 11.14
CA LEU E 15 32.32 17.43 9.82
C LEU E 15 33.73 17.42 9.23
N VAL E 16 34.54 18.44 9.49
CA VAL E 16 35.88 18.49 8.91
C VAL E 16 36.80 17.44 9.53
N GLU E 17 36.78 17.34 10.87
CA GLU E 17 37.60 16.34 11.54
C GLU E 17 37.17 14.90 11.21
N GLN E 18 35.89 14.67 10.98
CA GLN E 18 35.45 13.33 10.55
C GLN E 18 36.04 12.95 9.21
N LEU E 19 36.09 13.88 8.25
CA LEU E 19 36.70 13.61 6.95
C LEU E 19 38.22 13.43 7.02
N LYS E 20 38.90 14.09 7.95
CA LYS E 20 40.34 13.87 8.05
C LYS E 20 40.66 12.47 8.57
N MET E 21 39.84 11.95 9.48
CA MET E 21 40.02 10.59 9.96
C MET E 21 39.77 9.55 8.87
N GLU E 22 38.74 9.75 8.05
CA GLU E 22 38.41 8.81 6.99
C GLU E 22 39.39 8.86 5.82
N ALA E 23 40.11 9.97 5.66
CA ALA E 23 41.02 10.10 4.53
C ALA E 23 42.30 9.33 4.76
N ASN E 24 42.79 9.29 6.00
CA ASN E 24 44.07 8.67 6.33
C ASN E 24 43.95 7.17 6.62
N ILE E 25 42.88 6.53 6.15
CA ILE E 25 42.77 5.08 6.21
C ILE E 25 43.55 4.47 5.07
N ASP E 26 43.99 3.22 5.25
CA ASP E 26 44.76 2.49 4.25
C ASP E 26 43.84 1.48 3.56
N ARG E 27 43.74 1.59 2.24
CA ARG E 27 42.85 0.76 1.45
C ARG E 27 43.67 -0.26 0.67
N ILE E 28 43.07 -1.41 0.41
CA ILE E 28 43.71 -2.44 -0.38
C ILE E 28 43.19 -2.41 -1.81
N LYS E 29 43.89 -3.11 -2.69
CA LYS E 29 43.53 -3.18 -4.11
C LYS E 29 42.22 -3.94 -4.28
N VAL E 30 41.41 -3.50 -5.25
CA VAL E 30 40.15 -4.17 -5.53
C VAL E 30 40.41 -5.59 -6.03
N SER E 31 41.50 -5.80 -6.77
CA SER E 31 41.85 -7.13 -7.25
C SER E 31 42.03 -8.11 -6.09
N LYS E 32 42.68 -7.66 -5.02
CA LYS E 32 42.85 -8.51 -3.84
C LYS E 32 41.56 -8.59 -3.04
N ALA E 33 40.82 -7.48 -2.96
CA ALA E 33 39.55 -7.50 -2.24
C ALA E 33 38.59 -8.46 -2.91
N ALA E 34 38.59 -8.51 -4.25
CA ALA E 34 37.78 -9.48 -4.96
C ALA E 34 38.34 -10.89 -4.81
N ALA E 35 39.67 -11.01 -4.68
CA ALA E 35 40.29 -12.32 -4.54
C ALA E 35 39.91 -12.98 -3.22
N ASP E 36 39.62 -12.17 -2.20
CA ASP E 36 39.19 -12.71 -0.91
C ASP E 36 37.77 -13.27 -1.02
N LEU E 37 36.92 -12.58 -1.78
CA LEU E 37 35.58 -13.07 -2.05
C LEU E 37 35.62 -14.39 -2.80
N MET E 38 36.53 -14.53 -3.77
CA MET E 38 36.64 -15.78 -4.51
C MET E 38 37.04 -16.93 -3.60
N ALA E 39 37.90 -16.68 -2.62
CA ALA E 39 38.28 -17.77 -1.73
C ALA E 39 37.15 -18.16 -0.78
N TYR E 40 36.43 -17.17 -0.24
CA TYR E 40 35.34 -17.52 0.68
C TYR E 40 34.16 -18.16 -0.03
N CYS E 41 33.94 -17.85 -1.31
CA CYS E 41 32.80 -18.44 -2.02
C CYS E 41 32.99 -19.93 -2.25
N GLU E 42 34.06 -20.32 -2.94
CA GLU E 42 34.27 -21.72 -3.25
C GLU E 42 34.66 -22.55 -2.03
N ALA E 43 35.15 -21.91 -0.96
CA ALA E 43 35.41 -22.66 0.26
C ALA E 43 34.13 -23.10 0.96
N HIS E 44 33.00 -22.47 0.66
CA HIS E 44 31.71 -22.86 1.24
C HIS E 44 30.67 -23.24 0.20
N ALA E 45 31.06 -23.44 -1.07
CA ALA E 45 30.04 -23.68 -2.09
C ALA E 45 29.33 -25.00 -1.84
N LYS E 46 30.06 -26.02 -1.40
CA LYS E 46 29.47 -27.33 -1.19
C LYS E 46 28.62 -27.40 0.08
N GLU E 47 28.64 -26.35 0.89
CA GLU E 47 27.87 -26.28 2.13
C GLU E 47 26.75 -25.26 2.08
N ASP E 48 26.39 -24.77 0.89
CA ASP E 48 25.32 -23.80 0.76
C ASP E 48 24.08 -24.48 0.21
N PRO E 49 23.08 -24.79 1.04
CA PRO E 49 21.91 -25.51 0.55
C PRO E 49 21.14 -24.76 -0.53
N LEU E 50 21.18 -23.43 -0.50
CA LEU E 50 20.49 -22.64 -1.52
C LEU E 50 21.20 -22.67 -2.87
N LEU E 51 22.51 -22.94 -2.88
CA LEU E 51 23.23 -23.08 -4.14
C LEU E 51 23.20 -24.52 -4.65
N THR E 52 23.68 -25.45 -3.84
CA THR E 52 23.56 -26.86 -4.17
C THR E 52 22.34 -27.43 -3.47
N PRO E 53 21.27 -27.75 -4.18
CA PRO E 53 20.05 -28.21 -3.51
C PRO E 53 20.27 -29.51 -2.77
N VAL E 54 19.78 -29.55 -1.53
CA VAL E 54 19.90 -30.74 -0.69
C VAL E 54 18.78 -31.70 -1.08
N PRO E 55 19.04 -33.01 -1.11
CA PRO E 55 17.97 -33.97 -1.39
C PRO E 55 16.82 -33.81 -0.41
N ALA E 56 15.60 -34.06 -0.92
CA ALA E 56 14.40 -33.86 -0.13
C ALA E 56 14.36 -34.74 1.13
N SER E 57 15.21 -35.76 1.22
CA SER E 57 15.24 -36.58 2.42
C SER E 57 15.84 -35.80 3.60
N GLU E 58 16.84 -34.96 3.33
CA GLU E 58 17.51 -34.21 4.39
C GLU E 58 17.04 -32.76 4.43
N ASN E 59 15.93 -32.45 3.76
CA ASN E 59 15.36 -31.11 3.78
C ASN E 59 14.25 -31.04 4.81
N PRO E 60 14.42 -30.29 5.90
CA PRO E 60 13.38 -30.23 6.93
C PRO E 60 12.08 -29.58 6.48
N PHE E 61 12.04 -28.91 5.33
CA PHE E 61 10.81 -28.27 4.88
C PHE E 61 10.06 -29.05 3.81
N ARG E 62 10.56 -30.20 3.35
CA ARG E 62 9.79 -31.03 2.44
C ARG E 62 9.37 -32.37 3.03
N GLU E 63 9.90 -32.74 4.20
CA GLU E 63 9.51 -33.99 4.83
C GLU E 63 8.11 -33.84 5.44
N LYS E 64 7.59 -34.95 5.96
CA LYS E 64 6.27 -34.94 6.58
C LYS E 64 6.39 -35.05 8.11
C1 CLR F . -34.55 -8.79 8.44
C2 CLR F . -34.14 -7.80 9.52
C3 CLR F . -33.32 -8.48 10.60
C4 CLR F . -32.05 -9.06 9.96
C5 CLR F . -32.45 -9.94 8.81
C6 CLR F . -31.98 -11.19 8.76
C7 CLR F . -32.43 -12.18 7.74
C8 CLR F . -32.74 -11.45 6.45
C9 CLR F . -33.76 -10.37 6.70
C10 CLR F . -33.33 -9.36 7.75
C11 CLR F . -34.04 -9.62 5.39
C12 CLR F . -34.45 -10.55 4.25
C13 CLR F . -33.43 -11.68 4.11
C14 CLR F . -33.37 -12.39 5.43
C15 CLR F . -32.63 -13.67 5.11
C16 CLR F . -33.08 -14.01 3.69
C17 CLR F . -33.73 -12.76 3.09
C18 CLR F . -32.06 -11.16 3.75
C19 CLR F . -32.57 -8.25 7.06
C20 CLR F . -33.16 -12.41 1.72
C21 CLR F . -34.14 -11.56 0.93
C22 CLR F . -32.85 -13.65 0.89
C23 CLR F . -34.14 -14.12 0.23
C24 CLR F . -33.92 -15.18 -0.83
C25 CLR F . -35.29 -15.71 -1.23
C26 CLR F . -36.00 -16.24 0.00
C27 CLR F . -36.15 -14.64 -1.88
O1 CLR F . -32.94 -7.52 11.58
C10 G4C G . -27.38 -3.64 6.95
C12 G4C G . -29.70 -3.55 7.54
C02 G4C G . -29.18 -9.58 11.44
C03 G4C G . -27.78 -9.46 10.88
C05 G4C G . -28.52 -7.65 9.12
C06 G4C G . -28.55 -7.21 7.62
C07 G4C G . -28.55 -5.67 7.46
C08 G4C G . -27.38 -5.02 7.10
C11 G4C G . -28.54 -2.91 7.18
C13 G4C G . -29.72 -4.94 7.69
C18 G4C G . -27.40 -11.28 8.62
O15 G4C G . -29.02 -6.96 9.95
C16 G4C G . -27.26 -9.76 8.41
C17 G4C G . -25.76 -9.40 8.23
C19 G4C G . -27.33 -11.82 9.87
C20 G4C G . -27.47 -13.22 10.06
C21 G4C G . -27.39 -13.86 11.52
C22 G4C G . -25.95 -14.15 12.00
C23 G4C G . -25.91 -14.51 13.52
C24 G4C G . -26.71 -15.83 13.76
C26 G4C G . -26.56 -13.37 14.34
C27 G4C G . -27.67 -14.06 8.94
C28 G4C G . -27.75 -13.50 7.65
C29 G4C G . -27.62 -12.12 7.47
C30 G4C G . -27.11 -10.86 11.09
N04 G4C G . -27.85 -8.96 9.48
O01 G4C G . -29.55 -8.34 11.98
O25 G4C G . -24.58 -14.70 13.94
CL9 G4C G . -25.91 -5.96 6.81
CL4 G4C G . -31.22 -5.76 8.16
C1 CLR H . -17.64 -22.56 2.29
C2 CLR H . -16.56 -21.56 2.67
C3 CLR H . -15.44 -21.48 1.66
C4 CLR H . -16.04 -21.06 0.34
C5 CLR H . -17.12 -22.04 0.00
C6 CLR H . -17.02 -22.73 -1.13
C7 CLR H . -17.95 -23.86 -1.46
C8 CLR H . -19.31 -23.54 -0.90
C9 CLR H . -19.22 -23.31 0.57
C10 CLR H . -18.27 -22.20 0.95
C11 CLR H . -20.62 -23.00 1.10
C12 CLR H . -21.57 -24.16 0.86
C13 CLR H . -21.58 -24.53 -0.61
C14 CLR H . -20.18 -24.75 -1.08
C15 CLR H . -20.39 -25.19 -2.50
C16 CLR H . -21.60 -26.12 -2.38
C17 CLR H . -22.21 -25.84 -1.02
C18 CLR H . -22.18 -23.45 -1.46
C19 CLR H . -19.05 -20.92 1.03
C20 CLR H . -23.72 -25.85 -1.09
C21 CLR H . -24.36 -26.28 0.23
C22 CLR H . -24.14 -26.79 -2.22
C23 CLR H . -24.23 -28.22 -1.71
C24 CLR H . -24.55 -29.19 -2.83
C25 CLR H . -26.05 -29.36 -2.97
C26 CLR H . -26.36 -30.61 -3.78
C27 CLR H . -26.73 -29.40 -1.61
O1 CLR H . -14.55 -20.47 2.11
C7 LDP I . -37.23 -24.92 -14.40
C1 LDP I . -38.00 -24.40 -13.20
C4 LDP I . -39.38 -23.44 -11.01
C2 LDP I . -39.33 -24.72 -13.04
C6 LDP I . -37.36 -23.60 -12.27
C5 LDP I . -38.06 -23.13 -11.17
C3 LDP I . -40.03 -24.24 -11.95
O1 LDP I . -41.39 -24.56 -11.78
O2 LDP I . -40.09 -22.95 -9.90
C8 LDP I . -38.06 -25.89 -15.23
N1 LDP I . -37.31 -26.33 -16.39
#